data_9BZV
# 
_entry.id   9BZV 
# 
_audit_conform.dict_name       mmcif_pdbx.dic 
_audit_conform.dict_version    5.407 
_audit_conform.dict_location   http://mmcif.pdb.org/dictionaries/ascii/mmcif_pdbx.dic 
# 
loop_
_database_2.database_id 
_database_2.database_code 
_database_2.pdbx_database_accession 
_database_2.pdbx_DOI 
PDB   9BZV         pdb_00009bzv 10.2210/pdb9bzv/pdb 
WWPDB D_1000282893 ?            ?                   
# 
_pdbx_audit_revision_history.ordinal             1 
_pdbx_audit_revision_history.data_content_type   'Structure model' 
_pdbx_audit_revision_history.major_revision      1 
_pdbx_audit_revision_history.minor_revision      0 
_pdbx_audit_revision_history.revision_date       2025-11-26 
_pdbx_audit_revision_history.part_number         ? 
# 
_pdbx_audit_revision_details.ordinal             1 
_pdbx_audit_revision_details.revision_ordinal    1 
_pdbx_audit_revision_details.data_content_type   'Structure model' 
_pdbx_audit_revision_details.provider            repository 
_pdbx_audit_revision_details.type                'Initial release' 
_pdbx_audit_revision_details.description         ? 
_pdbx_audit_revision_details.details             ? 
# 
_pdbx_database_status.status_code                     REL 
_pdbx_database_status.status_code_sf                  REL 
_pdbx_database_status.status_code_mr                  ? 
_pdbx_database_status.entry_id                        9BZV 
_pdbx_database_status.recvd_initial_deposition_date   2024-05-24 
_pdbx_database_status.SG_entry                        N 
_pdbx_database_status.deposit_site                    RCSB 
_pdbx_database_status.process_site                    RCSB 
_pdbx_database_status.status_code_cs                  ? 
_pdbx_database_status.status_code_nmr_data            ? 
_pdbx_database_status.methods_development_category    ? 
_pdbx_database_status.pdb_format_compatible           N 
# 
_pdbx_contact_author.id                 2 
_pdbx_contact_author.email              andyn@uic.edu 
_pdbx_contact_author.name_first         Andy 
_pdbx_contact_author.name_last          Nguyen 
_pdbx_contact_author.name_mi            I 
_pdbx_contact_author.role               'principal investigator/group leader' 
_pdbx_contact_author.identifier_ORCID   0000-0003-4137-6453 
# 
_audit_author.name               'Heinz-Kunert, S.L.' 
_audit_author.pdbx_ordinal       1 
_audit_author.identifier_ORCID   0009-0002-5884-1294 
# 
_citation.abstract                  ? 
_citation.abstract_id_CAS           ? 
_citation.book_id_ISBN              ? 
_citation.book_publisher            ? 
_citation.book_publisher_city       ? 
_citation.book_title                ? 
_citation.coordinate_linkage        ? 
_citation.country                   ? 
_citation.database_id_Medline       ? 
_citation.details                   ? 
_citation.id                        primary 
_citation.journal_abbrev            'To Be Published' 
_citation.journal_id_ASTM           ? 
_citation.journal_id_CSD            0353 
_citation.journal_id_ISSN           ? 
_citation.journal_full              ? 
_citation.journal_issue             ? 
_citation.journal_volume            ? 
_citation.language                  ? 
_citation.page_first                ? 
_citation.page_last                 ? 
_citation.title                     'Evolvable conformational diversity in assemblies of short peptides' 
_citation.year                      ? 
_citation.database_id_CSD           ? 
_citation.pdbx_database_id_DOI      ? 
_citation.pdbx_database_id_PubMed   ? 
_citation.pdbx_database_id_patent   ? 
_citation.unpublished_flag          ? 
# 
loop_
_citation_author.citation_id 
_citation_author.name 
_citation_author.ordinal 
_citation_author.identifier_ORCID 
primary 'Heinz-Kunert, S.L.' 1 0009-0002-5884-1294 
primary 'Nguyen, A.I.'       2 0000-0003-4137-6453 
# 
loop_
_entity.id 
_entity.type 
_entity.src_method 
_entity.pdbx_description 
_entity.formula_weight 
_entity.pdbx_number_of_molecules 
_entity.pdbx_ec 
_entity.pdbx_mutation 
_entity.pdbx_fragment 
_entity.details 
1 polymer     syn UIC-1                                                   897.114 1 ? ? ? ? 
2 non-polymer syn "5'-(hydrazinecarbonyl)[2,2'-bipyridine]-5-carboxamide" 257.248 1 ? ? ? ? 
3 non-polymer syn 
;ethyl 5'-formyl[2,2'-bipyridine]-5-carboxylate
;
272.256 1 ? ? ? ? 
4 non-polymer syn '(propan-2-yl)benzene'                                  120.192 4 ? ? ? ? 
5 water       nat water                                                   18.015  1 ? ? ? ? 
# 
_entity_poly.entity_id                      1 
_entity_poly.type                           'polypeptide(L)' 
_entity_poly.nstd_linkage                   no 
_entity_poly.nstd_monomer                   yes 
_entity_poly.pdbx_seq_one_letter_code       'L(AIB)A(AIB)L(AIB)Q(AIB)L' 
_entity_poly.pdbx_seq_one_letter_code_can   LAAALAQAL 
_entity_poly.pdbx_strand_id                 A 
_entity_poly.pdbx_target_identifier         ? 
# 
loop_
_pdbx_entity_nonpoly.entity_id 
_pdbx_entity_nonpoly.name 
_pdbx_entity_nonpoly.comp_id 
2 "5'-(hydrazinecarbonyl)[2,2'-bipyridine]-5-carboxamide" I77   
3 
;ethyl 5'-formyl[2,2'-bipyridine]-5-carboxylate
;
I6W   
4 '(propan-2-yl)benzene'                                  A1ATB 
5 water                                                   HOH   
# 
loop_
_entity_poly_seq.entity_id 
_entity_poly_seq.num 
_entity_poly_seq.mon_id 
_entity_poly_seq.hetero 
1 1 LEU n 
1 2 AIB n 
1 3 ALA n 
1 4 AIB n 
1 5 LEU n 
1 6 AIB n 
1 7 GLN n 
1 8 AIB n 
1 9 LEU n 
# 
_pdbx_entity_src_syn.entity_id              1 
_pdbx_entity_src_syn.pdbx_src_id            1 
_pdbx_entity_src_syn.pdbx_alt_source_flag   sample 
_pdbx_entity_src_syn.pdbx_beg_seq_num       1 
_pdbx_entity_src_syn.pdbx_end_seq_num       9 
_pdbx_entity_src_syn.organism_scientific    'synthetic construct' 
_pdbx_entity_src_syn.organism_common_name   ? 
_pdbx_entity_src_syn.ncbi_taxonomy_id       32630 
_pdbx_entity_src_syn.details                ? 
# 
loop_
_chem_comp.id 
_chem_comp.type 
_chem_comp.mon_nstd_flag 
_chem_comp.name 
_chem_comp.pdbx_synonyms 
_chem_comp.formula 
_chem_comp.formula_weight 
A1ATB non-polymer         . '(propan-2-yl)benzene'                                  ? 'C9 H12'        120.192 
AIB   'L-peptide linking' n 'ALPHA-AMINOISOBUTYRIC ACID'                            ? 'C4 H9 N O2'    103.120 
ALA   'L-peptide linking' y ALANINE                                                 ? 'C3 H7 N O2'    89.093  
GLN   'L-peptide linking' y GLUTAMINE                                               ? 'C5 H10 N2 O3'  146.144 
HOH   non-polymer         . WATER                                                   ? 'H2 O'          18.015  
I6W   non-polymer         . 
;ethyl 5'-formyl[2,2'-bipyridine]-5-carboxylate
;
? 'C14 H12 N2 O4' 272.256 
I77   non-polymer         . "5'-(hydrazinecarbonyl)[2,2'-bipyridine]-5-carboxamide" ? 'C12 H11 N5 O2' 257.248 
LEU   'L-peptide linking' y LEUCINE                                                 ? 'C6 H13 N O2'   131.173 
# 
loop_
_pdbx_poly_seq_scheme.asym_id 
_pdbx_poly_seq_scheme.entity_id 
_pdbx_poly_seq_scheme.seq_id 
_pdbx_poly_seq_scheme.mon_id 
_pdbx_poly_seq_scheme.ndb_seq_num 
_pdbx_poly_seq_scheme.pdb_seq_num 
_pdbx_poly_seq_scheme.auth_seq_num 
_pdbx_poly_seq_scheme.pdb_mon_id 
_pdbx_poly_seq_scheme.auth_mon_id 
_pdbx_poly_seq_scheme.pdb_strand_id 
_pdbx_poly_seq_scheme.pdb_ins_code 
_pdbx_poly_seq_scheme.hetero 
A 1 1 LEU 1 2  2  LEU LEU A . n 
A 1 2 AIB 2 3  3  AIB AIB A . n 
A 1 3 ALA 3 4  4  ALA ALA A . n 
A 1 4 AIB 4 5  5  AIB AIB A . n 
A 1 5 LEU 5 6  6  LEU LEU A . n 
A 1 6 AIB 6 7  7  AIB AIB A . n 
A 1 7 GLN 7 8  8  GLN GLN A . n 
A 1 8 AIB 8 9  9  AIB AIB A . n 
A 1 9 LEU 9 10 10 LEU LEU A . n 
# 
loop_
_pdbx_entity_instance_feature.ordinal 
_pdbx_entity_instance_feature.comp_id 
_pdbx_entity_instance_feature.asym_id 
_pdbx_entity_instance_feature.seq_num 
_pdbx_entity_instance_feature.auth_comp_id 
_pdbx_entity_instance_feature.auth_asym_id 
_pdbx_entity_instance_feature.auth_seq_num 
_pdbx_entity_instance_feature.feature_type 
_pdbx_entity_instance_feature.details 
1 I6W   ? ? I6W   ? ? 'SUBJECT OF INVESTIGATION' ? 
2 I77   ? ? I77   ? ? 'SUBJECT OF INVESTIGATION' ? 
3 A1ATB ? ? A1ATB ? ? 'SUBJECT OF INVESTIGATION' ? 
# 
loop_
_pdbx_nonpoly_scheme.asym_id 
_pdbx_nonpoly_scheme.entity_id 
_pdbx_nonpoly_scheme.mon_id 
_pdbx_nonpoly_scheme.ndb_seq_num 
_pdbx_nonpoly_scheme.pdb_seq_num 
_pdbx_nonpoly_scheme.auth_seq_num 
_pdbx_nonpoly_scheme.pdb_mon_id 
_pdbx_nonpoly_scheme.auth_mon_id 
_pdbx_nonpoly_scheme.pdb_strand_id 
_pdbx_nonpoly_scheme.pdb_ins_code 
B 2 I77   1 101 11 I77   BPH A . 
C 3 I6W   1 102 1  I6W   BPE A . 
D 4 A1ATB 1 103 1  A1ATB IPB A . 
E 4 A1ATB 1 104 2  A1ATB IPB A . 
F 4 A1ATB 1 105 3  A1ATB IPB A . 
G 4 A1ATB 1 106 4  A1ATB IPB A . 
H 5 HOH   1 201 1  HOH   HOH A . 
# 
loop_
_software.citation_id 
_software.classification 
_software.compiler_name 
_software.compiler_version 
_software.contact_author 
_software.contact_author_email 
_software.date 
_software.description 
_software.dependencies 
_software.hardware 
_software.language 
_software.location 
_software.mods 
_software.name 
_software.os 
_software.os_version 
_software.type 
_software.version 
_software.pdbx_ordinal 
? refinement       ? ? ? ? ? ? ? ? ? ? ? PHENIX      ? ? ? 1.20.1_4487 1 
? 'data reduction' ? ? ? ? ? ? ? ? ? ? ? CrysalisPro ? ? ? .           2 
? 'data scaling'   ? ? ? ? ? ? ? ? ? ? ? CrysalisPro ? ? ? .           3 
? phasing          ? ? ? ? ? ? ? ? ? ? ? PHASER      ? ? ? .           4 
# 
_cell.angle_alpha                  90.000 
_cell.angle_alpha_esd              ? 
_cell.angle_beta                   92.310 
_cell.angle_beta_esd               ? 
_cell.angle_gamma                  90.000 
_cell.angle_gamma_esd              ? 
_cell.entry_id                     9BZV 
_cell.details                      ? 
_cell.formula_units_Z              ? 
_cell.length_a                     13.686 
_cell.length_a_esd                 ? 
_cell.length_b                     13.340 
_cell.length_b_esd                 ? 
_cell.length_c                     28.944 
_cell.length_c_esd                 ? 
_cell.volume                       5280.048 
_cell.volume_esd                   ? 
_cell.Z_PDB                        2 
_cell.reciprocal_angle_alpha       ? 
_cell.reciprocal_angle_beta        ? 
_cell.reciprocal_angle_gamma       ? 
_cell.reciprocal_angle_alpha_esd   ? 
_cell.reciprocal_angle_beta_esd    ? 
_cell.reciprocal_angle_gamma_esd   ? 
_cell.reciprocal_length_a          ? 
_cell.reciprocal_length_b          ? 
_cell.reciprocal_length_c          ? 
_cell.reciprocal_length_a_esd      ? 
_cell.reciprocal_length_b_esd      ? 
_cell.reciprocal_length_c_esd      ? 
_cell.pdbx_unique_axis             ? 
_cell.pdbx_esd_method              ? 
# 
_symmetry.entry_id                         9BZV 
_symmetry.cell_setting                     ? 
_symmetry.Int_Tables_number                4 
_symmetry.space_group_name_Hall            'P 2yb' 
_symmetry.space_group_name_H-M             'P 1 21 1' 
_symmetry.pdbx_full_space_group_name_H-M   ? 
# 
_exptl.absorpt_coefficient_mu     ? 
_exptl.absorpt_correction_T_max   ? 
_exptl.absorpt_correction_T_min   ? 
_exptl.absorpt_correction_type    ? 
_exptl.absorpt_process_details    ? 
_exptl.entry_id                   9BZV 
_exptl.crystals_number            1 
_exptl.details                    ? 
_exptl.method                     'X-RAY DIFFRACTION' 
_exptl.method_details             ? 
# 
_exptl_crystal.colour                       ? 
_exptl_crystal.density_diffrn               ? 
_exptl_crystal.density_Matthews             1.31 
_exptl_crystal.density_method               ? 
_exptl_crystal.density_percent_sol          11.59 
_exptl_crystal.description                  ? 
_exptl_crystal.F_000                        ? 
_exptl_crystal.id                           1 
_exptl_crystal.preparation                  ? 
_exptl_crystal.size_max                     ? 
_exptl_crystal.size_mid                     ? 
_exptl_crystal.size_min                     ? 
_exptl_crystal.size_rad                     ? 
_exptl_crystal.colour_lustre                ? 
_exptl_crystal.colour_modifier              ? 
_exptl_crystal.colour_primary               ? 
_exptl_crystal.density_meas                 ? 
_exptl_crystal.density_meas_esd             ? 
_exptl_crystal.density_meas_gt              ? 
_exptl_crystal.density_meas_lt              ? 
_exptl_crystal.density_meas_temp            ? 
_exptl_crystal.density_meas_temp_esd        ? 
_exptl_crystal.density_meas_temp_gt         ? 
_exptl_crystal.density_meas_temp_lt         ? 
_exptl_crystal.pdbx_crystal_image_url       ? 
_exptl_crystal.pdbx_crystal_image_format    ? 
_exptl_crystal.pdbx_mosaicity               ? 
_exptl_crystal.pdbx_mosaicity_esd           ? 
_exptl_crystal.pdbx_mosaic_method           ? 
_exptl_crystal.pdbx_mosaic_block_size       ? 
_exptl_crystal.pdbx_mosaic_block_size_esd   ? 
# 
_exptl_crystal_grow.apparatus       ? 
_exptl_crystal_grow.atmosphere      ? 
_exptl_crystal_grow.crystal_id      1 
_exptl_crystal_grow.details         ? 
_exptl_crystal_grow.method          'SLOW COOLING' 
_exptl_crystal_grow.method_ref      ? 
_exptl_crystal_grow.pH              ? 
_exptl_crystal_grow.pressure        ? 
_exptl_crystal_grow.pressure_esd    ? 
_exptl_crystal_grow.seeding         ? 
_exptl_crystal_grow.seeding_ref     ? 
_exptl_crystal_grow.temp_details    ? 
_exptl_crystal_grow.temp_esd        ? 
_exptl_crystal_grow.time            ? 
_exptl_crystal_grow.pdbx_details    'acetonitrile and water' 
_exptl_crystal_grow.pdbx_pH_range   ? 
_exptl_crystal_grow.temp            298 
# 
_diffrn.ambient_environment              ? 
_diffrn.ambient_temp                     100 
_diffrn.ambient_temp_details             ? 
_diffrn.ambient_temp_esd                 ? 
_diffrn.crystal_id                       1 
_diffrn.crystal_support                  ? 
_diffrn.crystal_treatment                ? 
_diffrn.details                          ? 
_diffrn.id                               1 
_diffrn.ambient_pressure                 ? 
_diffrn.ambient_pressure_esd             ? 
_diffrn.ambient_pressure_gt              ? 
_diffrn.ambient_pressure_lt              ? 
_diffrn.ambient_temp_gt                  ? 
_diffrn.ambient_temp_lt                  ? 
_diffrn.pdbx_serial_crystal_experiment   N 
# 
_diffrn_detector.details                      ? 
_diffrn_detector.detector                     PIXEL 
_diffrn_detector.diffrn_id                    1 
_diffrn_detector.type                         'RIGAKU HyPix-3000' 
_diffrn_detector.area_resol_mean              ? 
_diffrn_detector.dtime                        ? 
_diffrn_detector.pdbx_frames_total            ? 
_diffrn_detector.pdbx_collection_time_total   ? 
_diffrn_detector.pdbx_collection_date         2024-01-31 
_diffrn_detector.pdbx_frequency               ? 
_diffrn_detector.id                           ? 
_diffrn_detector.number_of_axes               ? 
# 
_diffrn_radiation.collimation                      ? 
_diffrn_radiation.diffrn_id                        1 
_diffrn_radiation.filter_edge                      ? 
_diffrn_radiation.inhomogeneity                    ? 
_diffrn_radiation.monochromator                    ? 
_diffrn_radiation.polarisn_norm                    ? 
_diffrn_radiation.polarisn_ratio                   ? 
_diffrn_radiation.probe                            ? 
_diffrn_radiation.type                             ? 
_diffrn_radiation.xray_symbol                      ? 
_diffrn_radiation.wavelength_id                    1 
_diffrn_radiation.pdbx_monochromatic_or_laue_m_l   M 
_diffrn_radiation.pdbx_wavelength_list             ? 
_diffrn_radiation.pdbx_wavelength                  ? 
_diffrn_radiation.pdbx_diffrn_protocol             'SINGLE WAVELENGTH' 
_diffrn_radiation.pdbx_analyzer                    ? 
_diffrn_radiation.pdbx_scattering_type             x-ray 
# 
_diffrn_radiation_wavelength.id           1 
_diffrn_radiation_wavelength.wavelength   1.54184 
_diffrn_radiation_wavelength.wt           1.0 
# 
_diffrn_source.current                     ? 
_diffrn_source.details                     ? 
_diffrn_source.diffrn_id                   1 
_diffrn_source.power                       ? 
_diffrn_source.size                        ? 
_diffrn_source.source                      'ROTATING ANODE' 
_diffrn_source.target                      ? 
_diffrn_source.type                        RIGAKU 
_diffrn_source.voltage                     ? 
_diffrn_source.take-off_angle              ? 
_diffrn_source.pdbx_wavelength_list        1.54184 
_diffrn_source.pdbx_wavelength             ? 
_diffrn_source.pdbx_synchrotron_beamline   ? 
_diffrn_source.pdbx_synchrotron_site       ? 
# 
_reflns.B_iso_Wilson_estimate                          4.45 
_reflns.entry_id                                       9BZV 
_reflns.data_reduction_details                         ? 
_reflns.data_reduction_method                          ? 
_reflns.d_resolution_high                              0.8 
_reflns.d_resolution_low                               13.68 
_reflns.details                                        ? 
_reflns.limit_h_max                                    ? 
_reflns.limit_h_min                                    ? 
_reflns.limit_k_max                                    ? 
_reflns.limit_k_min                                    ? 
_reflns.limit_l_max                                    ? 
_reflns.limit_l_min                                    ? 
_reflns.number_all                                     ? 
_reflns.number_obs                                     11200 
_reflns.observed_criterion                             ? 
_reflns.observed_criterion_F_max                       ? 
_reflns.observed_criterion_F_min                       ? 
_reflns.observed_criterion_I_max                       ? 
_reflns.observed_criterion_I_min                       ? 
_reflns.observed_criterion_sigma_F                     ? 
_reflns.observed_criterion_sigma_I                     ? 
_reflns.percent_possible_obs                           99.19 
_reflns.R_free_details                                 ? 
_reflns.Rmerge_F_all                                   ? 
_reflns.Rmerge_F_obs                                   ? 
_reflns.Friedel_coverage                               ? 
_reflns.number_gt                                      ? 
_reflns.threshold_expression                           ? 
_reflns.pdbx_redundancy                                8.3 
_reflns.pdbx_netI_over_av_sigmaI                       ? 
_reflns.pdbx_netI_over_sigmaI                          27.93 
_reflns.pdbx_res_netI_over_av_sigmaI_2                 ? 
_reflns.pdbx_res_netI_over_sigmaI_2                    ? 
_reflns.pdbx_chi_squared                               ? 
_reflns.pdbx_scaling_rejects                           ? 
_reflns.pdbx_d_res_high_opt                            ? 
_reflns.pdbx_d_res_low_opt                             ? 
_reflns.pdbx_d_res_opt_method                          ? 
_reflns.phase_calculation_details                      ? 
_reflns.pdbx_Rrim_I_all                                ? 
_reflns.pdbx_Rpim_I_all                                ? 
_reflns.pdbx_d_opt                                     ? 
_reflns.pdbx_number_measured_all                       ? 
_reflns.pdbx_diffrn_id                                 1 
_reflns.pdbx_ordinal                                   1 
_reflns.pdbx_CC_half                                   1 
_reflns.pdbx_CC_star                                   ? 
_reflns.pdbx_R_split                                   ? 
_reflns.pdbx_Rmerge_I_obs                              ? 
_reflns.pdbx_Rmerge_I_all                              ? 
_reflns.pdbx_Rsym_value                                ? 
_reflns.pdbx_CC_split_method                           ? 
_reflns.pdbx_aniso_diffraction_limit_axis_1_ortho[1]   ? 
_reflns.pdbx_aniso_diffraction_limit_axis_1_ortho[2]   ? 
_reflns.pdbx_aniso_diffraction_limit_axis_1_ortho[3]   ? 
_reflns.pdbx_aniso_diffraction_limit_axis_2_ortho[1]   ? 
_reflns.pdbx_aniso_diffraction_limit_axis_2_ortho[2]   ? 
_reflns.pdbx_aniso_diffraction_limit_axis_2_ortho[3]   ? 
_reflns.pdbx_aniso_diffraction_limit_axis_3_ortho[1]   ? 
_reflns.pdbx_aniso_diffraction_limit_axis_3_ortho[2]   ? 
_reflns.pdbx_aniso_diffraction_limit_axis_3_ortho[3]   ? 
_reflns.pdbx_aniso_diffraction_limit_1                 ? 
_reflns.pdbx_aniso_diffraction_limit_2                 ? 
_reflns.pdbx_aniso_diffraction_limit_3                 ? 
_reflns.pdbx_aniso_B_tensor_eigenvector_1_ortho[1]     ? 
_reflns.pdbx_aniso_B_tensor_eigenvector_1_ortho[2]     ? 
_reflns.pdbx_aniso_B_tensor_eigenvector_1_ortho[3]     ? 
_reflns.pdbx_aniso_B_tensor_eigenvector_2_ortho[1]     ? 
_reflns.pdbx_aniso_B_tensor_eigenvector_2_ortho[2]     ? 
_reflns.pdbx_aniso_B_tensor_eigenvector_2_ortho[3]     ? 
_reflns.pdbx_aniso_B_tensor_eigenvector_3_ortho[1]     ? 
_reflns.pdbx_aniso_B_tensor_eigenvector_3_ortho[2]     ? 
_reflns.pdbx_aniso_B_tensor_eigenvector_3_ortho[3]     ? 
_reflns.pdbx_aniso_B_tensor_eigenvalue_1               ? 
_reflns.pdbx_aniso_B_tensor_eigenvalue_2               ? 
_reflns.pdbx_aniso_B_tensor_eigenvalue_3               ? 
_reflns.pdbx_orthogonalization_convention              ? 
_reflns.pdbx_percent_possible_ellipsoidal              ? 
_reflns.pdbx_percent_possible_spherical                ? 
_reflns.pdbx_percent_possible_ellipsoidal_anomalous    ? 
_reflns.pdbx_percent_possible_spherical_anomalous      ? 
_reflns.pdbx_redundancy_anomalous                      ? 
_reflns.pdbx_CC_half_anomalous                         ? 
_reflns.pdbx_absDiff_over_sigma_anomalous              ? 
_reflns.pdbx_percent_possible_anomalous                ? 
_reflns.pdbx_observed_signal_threshold                 ? 
_reflns.pdbx_signal_type                               ? 
_reflns.pdbx_signal_details                            ? 
_reflns.pdbx_signal_software_id                        ? 
# 
_reflns_shell.d_res_high                                    0.8 
_reflns_shell.d_res_low                                     0.8286 
_reflns_shell.meanI_over_sigI_all                           ? 
_reflns_shell.meanI_over_sigI_obs                           ? 
_reflns_shell.number_measured_all                           ? 
_reflns_shell.number_measured_obs                           ? 
_reflns_shell.number_possible                               ? 
_reflns_shell.number_unique_all                             ? 
_reflns_shell.number_unique_obs                             1039 
_reflns_shell.percent_possible_obs                          ? 
_reflns_shell.Rmerge_F_all                                  ? 
_reflns_shell.Rmerge_F_obs                                  ? 
_reflns_shell.meanI_over_sigI_gt                            ? 
_reflns_shell.meanI_over_uI_all                             ? 
_reflns_shell.meanI_over_uI_gt                              ? 
_reflns_shell.number_measured_gt                            ? 
_reflns_shell.number_unique_gt                              ? 
_reflns_shell.percent_possible_gt                           ? 
_reflns_shell.Rmerge_F_gt                                   ? 
_reflns_shell.Rmerge_I_gt                                   ? 
_reflns_shell.pdbx_redundancy                               ? 
_reflns_shell.pdbx_chi_squared                              ? 
_reflns_shell.pdbx_netI_over_sigmaI_all                     ? 
_reflns_shell.pdbx_netI_over_sigmaI_obs                     ? 
_reflns_shell.pdbx_Rrim_I_all                               ? 
_reflns_shell.pdbx_Rpim_I_all                               ? 
_reflns_shell.pdbx_rejects                                  ? 
_reflns_shell.pdbx_ordinal                                  1 
_reflns_shell.pdbx_diffrn_id                                1 
_reflns_shell.pdbx_CC_half                                  0.876 
_reflns_shell.pdbx_CC_star                                  ? 
_reflns_shell.pdbx_R_split                                  ? 
_reflns_shell.percent_possible_all                          ? 
_reflns_shell.Rmerge_I_all                                  ? 
_reflns_shell.Rmerge_I_obs                                  ? 
_reflns_shell.pdbx_Rsym_value                               ? 
_reflns_shell.pdbx_percent_possible_ellipsoidal             ? 
_reflns_shell.pdbx_percent_possible_spherical               ? 
_reflns_shell.pdbx_percent_possible_ellipsoidal_anomalous   ? 
_reflns_shell.pdbx_percent_possible_spherical_anomalous     ? 
_reflns_shell.pdbx_redundancy_anomalous                     ? 
_reflns_shell.pdbx_CC_half_anomalous                        ? 
_reflns_shell.pdbx_absDiff_over_sigma_anomalous             ? 
_reflns_shell.pdbx_percent_possible_anomalous               ? 
# 
_refine.aniso_B[1][1]                            ? 
_refine.aniso_B[1][2]                            ? 
_refine.aniso_B[1][3]                            ? 
_refine.aniso_B[2][2]                            ? 
_refine.aniso_B[2][3]                            ? 
_refine.aniso_B[3][3]                            ? 
_refine.B_iso_max                                ? 
_refine.B_iso_mean                               7.37 
_refine.B_iso_min                                ? 
_refine.correlation_coeff_Fo_to_Fc               ? 
_refine.correlation_coeff_Fo_to_Fc_free          ? 
_refine.details                                  ? 
_refine.diff_density_max                         ? 
_refine.diff_density_max_esd                     ? 
_refine.diff_density_min                         ? 
_refine.diff_density_min_esd                     ? 
_refine.diff_density_rms                         ? 
_refine.diff_density_rms_esd                     ? 
_refine.entry_id                                 9BZV 
_refine.pdbx_refine_id                           'X-RAY DIFFRACTION' 
_refine.ls_abs_structure_details                 ? 
_refine.ls_abs_structure_Flack                   ? 
_refine.ls_abs_structure_Flack_esd               ? 
_refine.ls_abs_structure_Rogers                  ? 
_refine.ls_abs_structure_Rogers_esd              ? 
_refine.ls_d_res_high                            0.80 
_refine.ls_d_res_low                             13.68 
_refine.ls_extinction_coef                       ? 
_refine.ls_extinction_coef_esd                   ? 
_refine.ls_extinction_expression                 ? 
_refine.ls_extinction_method                     ? 
_refine.ls_goodness_of_fit_all                   ? 
_refine.ls_goodness_of_fit_all_esd               ? 
_refine.ls_goodness_of_fit_obs                   ? 
_refine.ls_goodness_of_fit_obs_esd               ? 
_refine.ls_hydrogen_treatment                    ? 
_refine.ls_matrix_type                           ? 
_refine.ls_number_constraints                    ? 
_refine.ls_number_parameters                     ? 
_refine.ls_number_reflns_all                     ? 
_refine.ls_number_reflns_obs                     11200 
_refine.ls_number_reflns_R_free                  1131 
_refine.ls_number_reflns_R_work                  10117 
_refine.ls_number_restraints                     ? 
_refine.ls_percent_reflns_obs                    98.16 
_refine.ls_percent_reflns_R_free                 10.06 
_refine.ls_R_factor_all                          ? 
_refine.ls_R_factor_obs                          ? 
_refine.ls_R_factor_R_free                       0.1073 
_refine.ls_R_factor_R_free_error                 ? 
_refine.ls_R_factor_R_free_error_details         ? 
_refine.ls_R_factor_R_work                       0.0972 
_refine.ls_R_Fsqd_factor_obs                     ? 
_refine.ls_R_I_factor_obs                        ? 
_refine.ls_redundancy_reflns_all                 ? 
_refine.ls_redundancy_reflns_obs                 ? 
_refine.ls_restrained_S_all                      ? 
_refine.ls_restrained_S_obs                      ? 
_refine.ls_shift_over_esd_max                    ? 
_refine.ls_shift_over_esd_mean                   ? 
_refine.ls_structure_factor_coef                 ? 
_refine.ls_weighting_details                     ? 
_refine.ls_weighting_scheme                      ? 
_refine.ls_wR_factor_all                         ? 
_refine.ls_wR_factor_obs                         ? 
_refine.ls_wR_factor_R_free                      ? 
_refine.ls_wR_factor_R_work                      ? 
_refine.occupancy_max                            ? 
_refine.occupancy_min                            ? 
_refine.solvent_model_details                    'FLAT BULK SOLVENT MODEL' 
_refine.solvent_model_param_bsol                 ? 
_refine.solvent_model_param_ksol                 ? 
_refine.pdbx_R_complete                          ? 
_refine.ls_R_factor_gt                           ? 
_refine.ls_goodness_of_fit_gt                    ? 
_refine.ls_goodness_of_fit_ref                   ? 
_refine.ls_shift_over_su_max                     ? 
_refine.ls_shift_over_su_max_lt                  ? 
_refine.ls_shift_over_su_mean                    ? 
_refine.ls_shift_over_su_mean_lt                 ? 
_refine.pdbx_ls_sigma_I                          ? 
_refine.pdbx_ls_sigma_F                          1.36 
_refine.pdbx_ls_sigma_Fsqd                       ? 
_refine.pdbx_data_cutoff_high_absF               ? 
_refine.pdbx_data_cutoff_high_rms_absF           ? 
_refine.pdbx_data_cutoff_low_absF                ? 
_refine.pdbx_isotropic_thermal_model             ? 
_refine.pdbx_ls_cross_valid_method               'FREE R-VALUE' 
_refine.pdbx_method_to_determine_struct          'MOLECULAR REPLACEMENT' 
_refine.pdbx_starting_model                      ? 
_refine.pdbx_stereochemistry_target_values       'GeoStd + Monomer Library + CDL v1.2' 
_refine.pdbx_R_Free_selection_details            ? 
_refine.pdbx_stereochem_target_val_spec_case     ? 
_refine.pdbx_overall_ESU_R                       ? 
_refine.pdbx_overall_ESU_R_Free                  ? 
_refine.pdbx_solvent_vdw_probe_radii             1.1000 
_refine.pdbx_solvent_ion_probe_radii             ? 
_refine.pdbx_solvent_shrinkage_radii             0.9000 
_refine.pdbx_real_space_R                        ? 
_refine.pdbx_density_correlation                 ? 
_refine.pdbx_pd_number_of_powder_patterns        ? 
_refine.pdbx_pd_number_of_points                 ? 
_refine.pdbx_pd_meas_number_of_points            ? 
_refine.pdbx_pd_proc_ls_prof_R_factor            ? 
_refine.pdbx_pd_proc_ls_prof_wR_factor           ? 
_refine.pdbx_pd_Marquardt_correlation_coeff      ? 
_refine.pdbx_pd_Fsqrd_R_factor                   ? 
_refine.pdbx_pd_ls_matrix_band_width             ? 
_refine.pdbx_overall_phase_error                 10.6524 
_refine.pdbx_overall_SU_R_free_Cruickshank_DPI   ? 
_refine.pdbx_overall_SU_R_free_Blow_DPI          ? 
_refine.pdbx_overall_SU_R_Blow_DPI               ? 
_refine.pdbx_TLS_residual_ADP_flag               ? 
_refine.pdbx_diffrn_id                           1 
_refine.overall_SU_B                             ? 
_refine.overall_SU_ML                            0.0663 
_refine.overall_SU_R_Cruickshank_DPI             ? 
_refine.overall_SU_R_free                        ? 
_refine.overall_FOM_free_R_set                   ? 
_refine.overall_FOM_work_R_set                   ? 
_refine.pdbx_average_fsc_overall                 ? 
_refine.pdbx_average_fsc_work                    ? 
_refine.pdbx_average_fsc_free                    ? 
# 
_refine_hist.pdbx_refine_id                   'X-RAY DIFFRACTION' 
_refine_hist.cycle_id                         LAST 
_refine_hist.details                          ? 
_refine_hist.d_res_high                       0.80 
_refine_hist.d_res_low                        13.68 
_refine_hist.number_atoms_solvent             1 
_refine_hist.number_atoms_total               137 
_refine_hist.number_reflns_all                ? 
_refine_hist.number_reflns_obs                ? 
_refine_hist.number_reflns_R_free             ? 
_refine_hist.number_reflns_R_work             ? 
_refine_hist.R_factor_all                     ? 
_refine_hist.R_factor_obs                     ? 
_refine_hist.R_factor_R_free                  ? 
_refine_hist.R_factor_R_work                  ? 
_refine_hist.pdbx_number_residues_total       ? 
_refine_hist.pdbx_B_iso_mean_ligand           ? 
_refine_hist.pdbx_B_iso_mean_solvent          ? 
_refine_hist.pdbx_number_atoms_protein        81 
_refine_hist.pdbx_number_atoms_nucleic_acid   0 
_refine_hist.pdbx_number_atoms_ligand         55 
_refine_hist.pdbx_number_atoms_lipid          ? 
_refine_hist.pdbx_number_atoms_carb           ? 
_refine_hist.pdbx_pseudo_atom_details         ? 
# 
loop_
_refine_ls_restr.pdbx_refine_id 
_refine_ls_restr.criterion 
_refine_ls_restr.dev_ideal 
_refine_ls_restr.dev_ideal_target 
_refine_ls_restr.number 
_refine_ls_restr.rejects 
_refine_ls_restr.type 
_refine_ls_restr.weight 
_refine_ls_restr.pdbx_restraint_function 
'X-RAY DIFFRACTION' ? 0.0126  ? 164 ? f_bond_d           ? ? 
'X-RAY DIFFRACTION' ? 2.0168  ? 219 ? f_angle_d          ? ? 
'X-RAY DIFFRACTION' ? 0.0370  ? 8   ? f_chiral_restr     ? ? 
'X-RAY DIFFRACTION' ? 0.0106  ? 23  ? f_plane_restr      ? ? 
'X-RAY DIFFRACTION' ? 35.6195 ? 26  ? f_dihedral_angle_d ? ? 
# 
loop_
_refine_ls_shell.pdbx_refine_id 
_refine_ls_shell.d_res_high 
_refine_ls_shell.d_res_low 
_refine_ls_shell.number_reflns_all 
_refine_ls_shell.number_reflns_obs 
_refine_ls_shell.number_reflns_R_free 
_refine_ls_shell.number_reflns_R_work 
_refine_ls_shell.percent_reflns_obs 
_refine_ls_shell.percent_reflns_R_free 
_refine_ls_shell.R_factor_all 
_refine_ls_shell.R_factor_obs 
_refine_ls_shell.R_factor_R_free_error 
_refine_ls_shell.R_factor_R_work 
_refine_ls_shell.redundancy_reflns_all 
_refine_ls_shell.redundancy_reflns_obs 
_refine_ls_shell.wR_factor_all 
_refine_ls_shell.wR_factor_obs 
_refine_ls_shell.wR_factor_R_free 
_refine_ls_shell.wR_factor_R_work 
_refine_ls_shell.pdbx_R_complete 
_refine_ls_shell.pdbx_total_number_of_bins_used 
_refine_ls_shell.pdbx_phase_error 
_refine_ls_shell.pdbx_fsc_work 
_refine_ls_shell.pdbx_fsc_free 
_refine_ls_shell.R_factor_R_free 
'X-RAY DIFFRACTION' 0.80 0.83  . . 131 1086 86.62 . . . . 0.1913 . . . . . . . . . . . 0.2025 
'X-RAY DIFFRACTION' 0.83 0.88  . . 138 1274 99.86 . . . . 0.1675 . . . . . . . . . . . 0.1817 
'X-RAY DIFFRACTION' 0.88 0.93  . . 145 1271 99.93 . . . . 0.1355 . . . . . . . . . . . 0.1453 
'X-RAY DIFFRACTION' 0.93 1.00  . . 142 1278 99.79 . . . . 0.1171 . . . . . . . . . . . 0.1178 
'X-RAY DIFFRACTION' 1.00 1.10  . . 136 1279 99.79 . . . . 0.0951 . . . . . . . . . . . 0.0975 
'X-RAY DIFFRACTION' 1.10 1.26  . . 140 1298 99.52 . . . . 0.0820 . . . . . . . . . . . 0.0919 
'X-RAY DIFFRACTION' 1.26 1.59  . . 146 1294 99.79 . . . . 0.0808 . . . . . . . . . . . 0.1000 
'X-RAY DIFFRACTION' 1.59 13.68 . . 153 1337 99.73 . . . . 0.0764 . . . . . . . . . . . 0.0847 
# 
_struct.entry_id                     9BZV 
_struct.title                        'UIC-1 bound to isopropylbenzene' 
_struct.pdbx_model_details           ? 
_struct.pdbx_formula_weight          ? 
_struct.pdbx_formula_weight_method   ? 
_struct.pdbx_model_type_details      ? 
_struct.pdbx_CASP_flag               N 
# 
_struct_keywords.entry_id        9BZV 
_struct_keywords.text            'synthetic construct, DE NOVO PROTEIN' 
_struct_keywords.pdbx_keywords   'DE NOVO PROTEIN' 
# 
loop_
_struct_asym.id 
_struct_asym.pdbx_blank_PDB_chainid_flag 
_struct_asym.pdbx_modified 
_struct_asym.entity_id 
_struct_asym.details 
A N N 1 ? 
B N N 2 ? 
C N N 3 ? 
D N N 4 ? 
E N N 4 ? 
F N N 4 ? 
G N N 4 ? 
H N N 5 ? 
# 
_struct_ref.id                         1 
_struct_ref.db_name                    PDB 
_struct_ref.db_code                    9BZV 
_struct_ref.pdbx_db_accession          9BZV 
_struct_ref.pdbx_db_isoform            ? 
_struct_ref.entity_id                  1 
_struct_ref.pdbx_seq_one_letter_code   ? 
_struct_ref.pdbx_align_begin           1 
# 
_struct_ref_seq.align_id                      1 
_struct_ref_seq.ref_id                        1 
_struct_ref_seq.pdbx_PDB_id_code              9BZV 
_struct_ref_seq.pdbx_strand_id                A 
_struct_ref_seq.seq_align_beg                 1 
_struct_ref_seq.pdbx_seq_align_beg_ins_code   ? 
_struct_ref_seq.seq_align_end                 9 
_struct_ref_seq.pdbx_seq_align_end_ins_code   ? 
_struct_ref_seq.pdbx_db_accession             9BZV 
_struct_ref_seq.db_align_beg                  2 
_struct_ref_seq.pdbx_db_align_beg_ins_code    ? 
_struct_ref_seq.db_align_end                  10 
_struct_ref_seq.pdbx_db_align_end_ins_code    ? 
_struct_ref_seq.pdbx_auth_seq_align_beg       2 
_struct_ref_seq.pdbx_auth_seq_align_end       10 
# 
_pdbx_struct_assembly.id                   1 
_pdbx_struct_assembly.details              author_and_software_defined_assembly 
_pdbx_struct_assembly.method_details       PISA 
_pdbx_struct_assembly.oligomeric_details   monomeric 
_pdbx_struct_assembly.oligomeric_count     1 
# 
_pdbx_struct_assembly_gen.assembly_id       1 
_pdbx_struct_assembly_gen.oper_expression   1 
_pdbx_struct_assembly_gen.asym_id_list      A,B,C,D,E,F,G,H 
# 
_pdbx_struct_oper_list.id                   1 
_pdbx_struct_oper_list.type                 'identity operation' 
_pdbx_struct_oper_list.name                 1_555 
_pdbx_struct_oper_list.symmetry_operation   x,y,z 
_pdbx_struct_oper_list.matrix[1][1]         1.0000000000 
_pdbx_struct_oper_list.matrix[1][2]         0.0000000000 
_pdbx_struct_oper_list.matrix[1][3]         0.0000000000 
_pdbx_struct_oper_list.vector[1]            0.0000000000 
_pdbx_struct_oper_list.matrix[2][1]         0.0000000000 
_pdbx_struct_oper_list.matrix[2][2]         1.0000000000 
_pdbx_struct_oper_list.matrix[2][3]         0.0000000000 
_pdbx_struct_oper_list.vector[2]            0.0000000000 
_pdbx_struct_oper_list.matrix[3][1]         0.0000000000 
_pdbx_struct_oper_list.matrix[3][2]         0.0000000000 
_pdbx_struct_oper_list.matrix[3][3]         1.0000000000 
_pdbx_struct_oper_list.vector[3]            0.0000000000 
# 
_struct_conf.conf_type_id            HELX_P 
_struct_conf.id                      HELX_P1 
_struct_conf.pdbx_PDB_helix_id       AA1 
_struct_conf.beg_label_comp_id       LEU 
_struct_conf.beg_label_asym_id       A 
_struct_conf.beg_label_seq_id        1 
_struct_conf.pdbx_beg_PDB_ins_code   ? 
_struct_conf.end_label_comp_id       GLN 
_struct_conf.end_label_asym_id       A 
_struct_conf.end_label_seq_id        7 
_struct_conf.pdbx_end_PDB_ins_code   ? 
_struct_conf.beg_auth_comp_id        LEU 
_struct_conf.beg_auth_asym_id        A 
_struct_conf.beg_auth_seq_id         2 
_struct_conf.end_auth_comp_id        GLN 
_struct_conf.end_auth_asym_id        A 
_struct_conf.end_auth_seq_id         8 
_struct_conf.pdbx_PDB_helix_class    1 
_struct_conf.details                 ? 
_struct_conf.pdbx_PDB_helix_length   7 
# 
_struct_conf_type.id          HELX_P 
_struct_conf_type.criteria    ? 
_struct_conf_type.reference   ? 
# 
loop_
_struct_conn.id 
_struct_conn.conn_type_id 
_struct_conn.pdbx_leaving_atom_flag 
_struct_conn.pdbx_PDB_id 
_struct_conn.ptnr1_label_asym_id 
_struct_conn.ptnr1_label_comp_id 
_struct_conn.ptnr1_label_seq_id 
_struct_conn.ptnr1_label_atom_id 
_struct_conn.pdbx_ptnr1_label_alt_id 
_struct_conn.pdbx_ptnr1_PDB_ins_code 
_struct_conn.pdbx_ptnr1_standard_comp_id 
_struct_conn.ptnr1_symmetry 
_struct_conn.ptnr2_label_asym_id 
_struct_conn.ptnr2_label_comp_id 
_struct_conn.ptnr2_label_seq_id 
_struct_conn.ptnr2_label_atom_id 
_struct_conn.pdbx_ptnr2_label_alt_id 
_struct_conn.pdbx_ptnr2_PDB_ins_code 
_struct_conn.ptnr1_auth_asym_id 
_struct_conn.ptnr1_auth_comp_id 
_struct_conn.ptnr1_auth_seq_id 
_struct_conn.ptnr2_auth_asym_id 
_struct_conn.ptnr2_auth_comp_id 
_struct_conn.ptnr2_auth_seq_id 
_struct_conn.ptnr2_symmetry 
_struct_conn.pdbx_ptnr3_label_atom_id 
_struct_conn.pdbx_ptnr3_label_seq_id 
_struct_conn.pdbx_ptnr3_label_comp_id 
_struct_conn.pdbx_ptnr3_label_asym_id 
_struct_conn.pdbx_ptnr3_label_alt_id 
_struct_conn.pdbx_ptnr3_PDB_ins_code 
_struct_conn.details 
_struct_conn.pdbx_dist_value 
_struct_conn.pdbx_value_order 
_struct_conn.pdbx_role 
covale1  covale both ? A LEU 1 C ? ? ? 1_555 A AIB 2 N   ? ? A LEU 2  A AIB 3   1_555 ? ? ? ? ? ? ? 1.334 ? ? 
covale2  covale both ? A LEU 1 N ? ? ? 1_555 C I6W . C02 ? ? A LEU 2  A I6W 102 1_555 ? ? ? ? ? ? ? 1.411 ? ? 
covale3  covale both ? A AIB 2 C ? ? ? 1_555 A ALA 3 N   ? ? A AIB 3  A ALA 4   1_555 ? ? ? ? ? ? ? 1.332 ? ? 
covale4  covale both ? A ALA 3 C ? ? ? 1_555 A AIB 4 N   ? ? A ALA 4  A AIB 5   1_555 ? ? ? ? ? ? ? 1.331 ? ? 
covale5  covale both ? A AIB 4 C ? ? ? 1_555 A LEU 5 N   ? ? A AIB 5  A LEU 6   1_555 ? ? ? ? ? ? ? 1.336 ? ? 
covale6  covale both ? A LEU 5 C ? ? ? 1_555 A AIB 6 N   ? ? A LEU 6  A AIB 7   1_555 ? ? ? ? ? ? ? 1.333 ? ? 
covale7  covale both ? A AIB 6 C ? ? ? 1_555 A GLN 7 N   ? ? A AIB 7  A GLN 8   1_555 ? ? ? ? ? ? ? 1.332 ? ? 
covale8  covale both ? A GLN 7 C ? ? ? 1_555 A AIB 8 N   ? ? A GLN 8  A AIB 9   1_555 ? ? ? ? ? ? ? 1.333 ? ? 
covale9  covale both ? A AIB 8 C ? ? ? 1_555 A LEU 9 N   ? ? A AIB 9  A LEU 10  1_555 ? ? ? ? ? ? ? 1.334 ? ? 
covale10 covale both ? A LEU 9 C ? ? ? 1_555 B I77 . N15 ? ? A LEU 10 A I77 101 1_555 ? ? ? ? ? ? ? 1.403 ? ? 
# 
_struct_conn_type.id          covale 
_struct_conn_type.criteria    ? 
_struct_conn_type.reference   ? 
# 
loop_
_pdbx_modification_feature.ordinal 
_pdbx_modification_feature.label_comp_id 
_pdbx_modification_feature.label_asym_id 
_pdbx_modification_feature.label_seq_id 
_pdbx_modification_feature.label_alt_id 
_pdbx_modification_feature.modified_residue_label_comp_id 
_pdbx_modification_feature.modified_residue_label_asym_id 
_pdbx_modification_feature.modified_residue_label_seq_id 
_pdbx_modification_feature.modified_residue_label_alt_id 
_pdbx_modification_feature.auth_comp_id 
_pdbx_modification_feature.auth_asym_id 
_pdbx_modification_feature.auth_seq_id 
_pdbx_modification_feature.PDB_ins_code 
_pdbx_modification_feature.symmetry 
_pdbx_modification_feature.modified_residue_auth_comp_id 
_pdbx_modification_feature.modified_residue_auth_asym_id 
_pdbx_modification_feature.modified_residue_auth_seq_id 
_pdbx_modification_feature.modified_residue_PDB_ins_code 
_pdbx_modification_feature.modified_residue_symmetry 
_pdbx_modification_feature.comp_id_linking_atom 
_pdbx_modification_feature.modified_residue_id_linking_atom 
_pdbx_modification_feature.modified_residue_id 
_pdbx_modification_feature.ref_pcm_id 
_pdbx_modification_feature.ref_comp_id 
_pdbx_modification_feature.type 
_pdbx_modification_feature.category 
1 AIB A 2 ? .   . . . AIB A 3   ? 1_555 .   . .  . .     .   . ALA 1 AIB Methylation 'Named protein modification'     
2 AIB A 4 ? .   . . . AIB A 5   ? 1_555 .   . .  . .     .   . ALA 1 AIB Methylation 'Named protein modification'     
3 AIB A 6 ? .   . . . AIB A 7   ? 1_555 .   . .  . .     .   . ALA 1 AIB Methylation 'Named protein modification'     
4 AIB A 8 ? .   . . . AIB A 9   ? 1_555 .   . .  . .     .   . ALA 1 AIB Methylation 'Named protein modification'     
5 I77 B . ? LEU A 9 ? I77 A 101 ? 1_555 LEU A 10 ? 1_555 N15 C LEU 1 I77 None        'Covalent chemical modification' 
6 I6W C . ? LEU A 1 ? I6W A 102 ? 1_555 LEU A 2  ? 1_555 C02 N LEU 1 I6W None        'Covalent chemical modification' 
# 
_pdbx_entry_details.entry_id                   9BZV 
_pdbx_entry_details.nonpolymer_details         ? 
_pdbx_entry_details.sequence_details           ? 
_pdbx_entry_details.compound_details           ? 
_pdbx_entry_details.source_details             ? 
_pdbx_entry_details.has_ligand_of_interest     Y 
_pdbx_entry_details.has_protein_modification   Y 
# 
loop_
_space_group_symop.id 
_space_group_symop.operation_xyz 
1 x,y,z       
2 -x,y+1/2,-z 
# 
loop_
_chem_comp_atom.comp_id 
_chem_comp_atom.atom_id 
_chem_comp_atom.type_symbol 
_chem_comp_atom.pdbx_aromatic_flag 
_chem_comp_atom.pdbx_stereo_config 
_chem_comp_atom.pdbx_ordinal 
A1ATB C01  C N N 1   
A1ATB C02  C N N 2   
A1ATB C03  C N N 3   
A1ATB C04  C Y N 4   
A1ATB C05  C Y N 5   
A1ATB C06  C Y N 6   
A1ATB C07  C Y N 7   
A1ATB C08  C Y N 8   
A1ATB C09  C Y N 9   
A1ATB H011 H N N 10  
A1ATB H012 H N N 11  
A1ATB H013 H N N 12  
A1ATB H021 H N N 13  
A1ATB H033 H N N 14  
A1ATB H032 H N N 15  
A1ATB H031 H N N 16  
A1ATB H051 H N N 17  
A1ATB H061 H N N 18  
A1ATB H071 H N N 19  
A1ATB H081 H N N 20  
A1ATB H091 H N N 21  
AIB   N    N N N 22  
AIB   CA   C N N 23  
AIB   C    C N N 24  
AIB   O    O N N 25  
AIB   OXT  O N N 26  
AIB   CB1  C N N 27  
AIB   CB2  C N N 28  
AIB   H    H N N 29  
AIB   H2   H N N 30  
AIB   HXT  H N N 31  
AIB   HB11 H N N 32  
AIB   HB12 H N N 33  
AIB   HB13 H N N 34  
AIB   HB21 H N N 35  
AIB   HB22 H N N 36  
AIB   HB23 H N N 37  
ALA   N    N N N 38  
ALA   CA   C N S 39  
ALA   C    C N N 40  
ALA   O    O N N 41  
ALA   CB   C N N 42  
ALA   OXT  O N N 43  
ALA   H    H N N 44  
ALA   H2   H N N 45  
ALA   HA   H N N 46  
ALA   HB1  H N N 47  
ALA   HB2  H N N 48  
ALA   HB3  H N N 49  
ALA   HXT  H N N 50  
GLN   N    N N N 51  
GLN   CA   C N S 52  
GLN   C    C N N 53  
GLN   O    O N N 54  
GLN   CB   C N N 55  
GLN   CG   C N N 56  
GLN   CD   C N N 57  
GLN   OE1  O N N 58  
GLN   NE2  N N N 59  
GLN   OXT  O N N 60  
GLN   H    H N N 61  
GLN   H2   H N N 62  
GLN   HA   H N N 63  
GLN   HB2  H N N 64  
GLN   HB3  H N N 65  
GLN   HG2  H N N 66  
GLN   HG3  H N N 67  
GLN   HE21 H N N 68  
GLN   HE22 H N N 69  
GLN   HXT  H N N 70  
HOH   O    O N N 71  
HOH   H1   H N N 72  
HOH   H2   H N N 73  
I6W   C05  C Y N 74  
I6W   C08  C Y N 75  
I6W   C09  C Y N 76  
I6W   N10  N Y N 77  
I6W   C02  C N N 78  
I6W   C03  C Y N 79  
I6W   C04  C Y N 80  
I6W   C06  C Y N 81  
I6W   C11  C Y N 82  
I6W   C12  C Y N 83  
I6W   C13  C N N 84  
I6W   C15  C N N 85  
I6W   C16  C N N 86  
I6W   C18  C Y N 87  
I6W   C19  C Y N 88  
I6W   N07  N Y N 89  
I6W   O01  O N N 90  
I6W   O14  O N N 91  
I6W   O17  O N N 92  
I6W   H051 H N N 93  
I6W   H041 H N N 94  
I6W   H061 H N N 95  
I6W   H111 H N N 96  
I6W   H152 H N N 97  
I6W   H151 H N N 98  
I6W   H162 H N N 99  
I6W   H163 H N N 100 
I6W   H161 H N N 101 
I6W   H181 H N N 102 
I6W   H191 H N N 103 
I6W   OXT  O N N 104 
I6W   HXT  H N N 105 
I77   C11  C Y N 106 
I77   C12  C Y N 107 
I77   C13  C N N 108 
I77   C17  C Y N 109 
I77   C18  C Y N 110 
I77   C02  C N N 111 
I77   C03  C Y N 112 
I77   C04  C Y N 113 
I77   C05  C Y N 114 
I77   C06  C Y N 115 
I77   C08  C Y N 116 
I77   C09  C Y N 117 
I77   N01  N N N 118 
I77   N07  N Y N 119 
I77   N10  N Y N 120 
I77   N14  N N N 121 
I77   N15  N N N 122 
I77   O16  O N N 123 
I77   O19  O N N 124 
I77   H111 H N N 125 
I77   H171 H N N 126 
I77   H181 H N N 127 
I77   H041 H N N 128 
I77   H051 H N N 129 
I77   H061 H N N 130 
I77   H011 H N N 131 
I77   H012 H N N 132 
I77   H141 H N N 133 
I77   H1   H N N 134 
I77   H2   H N N 135 
LEU   N    N N N 136 
LEU   CA   C N S 137 
LEU   C    C N N 138 
LEU   O    O N N 139 
LEU   CB   C N N 140 
LEU   CG   C N N 141 
LEU   CD1  C N N 142 
LEU   CD2  C N N 143 
LEU   OXT  O N N 144 
LEU   H    H N N 145 
LEU   H2   H N N 146 
LEU   HA   H N N 147 
LEU   HB2  H N N 148 
LEU   HB3  H N N 149 
LEU   HG   H N N 150 
LEU   HD11 H N N 151 
LEU   HD12 H N N 152 
LEU   HD13 H N N 153 
LEU   HD21 H N N 154 
LEU   HD22 H N N 155 
LEU   HD23 H N N 156 
LEU   HXT  H N N 157 
# 
loop_
_chem_comp_bond.comp_id 
_chem_comp_bond.atom_id_1 
_chem_comp_bond.atom_id_2 
_chem_comp_bond.value_order 
_chem_comp_bond.pdbx_aromatic_flag 
_chem_comp_bond.pdbx_stereo_config 
_chem_comp_bond.pdbx_ordinal 
A1ATB C02 C01  sing N N 1   
A1ATB C03 C02  sing N N 2   
A1ATB C04 C02  sing N N 3   
A1ATB C05 C04  doub Y N 4   
A1ATB C06 C05  sing Y N 5   
A1ATB C07 C06  doub Y N 6   
A1ATB C08 C07  sing Y N 7   
A1ATB C09 C08  doub Y N 8   
A1ATB C04 C09  sing Y N 9   
A1ATB C01 H011 sing N N 10  
A1ATB C01 H012 sing N N 11  
A1ATB C01 H013 sing N N 12  
A1ATB C02 H021 sing N N 13  
A1ATB C03 H033 sing N N 14  
A1ATB C03 H032 sing N N 15  
A1ATB C03 H031 sing N N 16  
A1ATB C05 H051 sing N N 17  
A1ATB C06 H061 sing N N 18  
A1ATB C07 H071 sing N N 19  
A1ATB C08 H081 sing N N 20  
A1ATB C09 H091 sing N N 21  
AIB   N   CA   sing N N 22  
AIB   N   H    sing N N 23  
AIB   N   H2   sing N N 24  
AIB   CA  C    sing N N 25  
AIB   CA  CB1  sing N N 26  
AIB   CA  CB2  sing N N 27  
AIB   C   O    doub N N 28  
AIB   C   OXT  sing N N 29  
AIB   OXT HXT  sing N N 30  
AIB   CB1 HB11 sing N N 31  
AIB   CB1 HB12 sing N N 32  
AIB   CB1 HB13 sing N N 33  
AIB   CB2 HB21 sing N N 34  
AIB   CB2 HB22 sing N N 35  
AIB   CB2 HB23 sing N N 36  
ALA   N   CA   sing N N 37  
ALA   N   H    sing N N 38  
ALA   N   H2   sing N N 39  
ALA   CA  C    sing N N 40  
ALA   CA  CB   sing N N 41  
ALA   CA  HA   sing N N 42  
ALA   C   O    doub N N 43  
ALA   C   OXT  sing N N 44  
ALA   CB  HB1  sing N N 45  
ALA   CB  HB2  sing N N 46  
ALA   CB  HB3  sing N N 47  
ALA   OXT HXT  sing N N 48  
GLN   N   CA   sing N N 49  
GLN   N   H    sing N N 50  
GLN   N   H2   sing N N 51  
GLN   CA  C    sing N N 52  
GLN   CA  CB   sing N N 53  
GLN   CA  HA   sing N N 54  
GLN   C   O    doub N N 55  
GLN   C   OXT  sing N N 56  
GLN   CB  CG   sing N N 57  
GLN   CB  HB2  sing N N 58  
GLN   CB  HB3  sing N N 59  
GLN   CG  CD   sing N N 60  
GLN   CG  HG2  sing N N 61  
GLN   CG  HG3  sing N N 62  
GLN   CD  OE1  doub N N 63  
GLN   CD  NE2  sing N N 64  
GLN   NE2 HE21 sing N N 65  
GLN   NE2 HE22 sing N N 66  
GLN   OXT HXT  sing N N 67  
HOH   O   H1   sing N N 68  
HOH   O   H2   sing N N 69  
I6W   O01 C02  doub N N 70  
I6W   C02 C03  sing N N 71  
I6W   C03 C06  doub Y N 72  
I6W   C03 C04  sing Y N 73  
I6W   C06 N07  sing Y N 74  
I6W   C04 C05  doub Y N 75  
I6W   N07 C08  doub Y N 76  
I6W   C05 C08  sing Y N 77  
I6W   C08 C09  sing N N 78  
I6W   C09 C19  doub Y N 79  
I6W   C09 N10  sing Y N 80  
I6W   C19 C18  sing Y N 81  
I6W   N10 C11  doub Y N 82  
I6W   C18 C12  doub Y N 83  
I6W   C11 C12  sing Y N 84  
I6W   C12 C13  sing N N 85  
I6W   C13 O17  doub N N 86  
I6W   C13 O14  sing N N 87  
I6W   O14 C15  sing N N 88  
I6W   C15 C16  sing N N 89  
I6W   C05 H051 sing N N 90  
I6W   C04 H041 sing N N 91  
I6W   C06 H061 sing N N 92  
I6W   C11 H111 sing N N 93  
I6W   C15 H152 sing N N 94  
I6W   C15 H151 sing N N 95  
I6W   C16 H162 sing N N 96  
I6W   C16 H163 sing N N 97  
I6W   C16 H161 sing N N 98  
I6W   C18 H181 sing N N 99  
I6W   C19 H191 sing N N 100 
I6W   C02 OXT  sing N N 101 
I6W   OXT HXT  sing N N 102 
I77   N15 N14  sing N N 103 
I77   O16 C13  doub N N 104 
I77   N14 C13  sing N N 105 
I77   C13 C12  sing N N 106 
I77   C12 C17  doub Y N 107 
I77   C12 C11  sing Y N 108 
I77   C17 C18  sing Y N 109 
I77   C11 N10  doub Y N 110 
I77   C18 C09  doub Y N 111 
I77   N10 C09  sing Y N 112 
I77   C09 C08  sing N N 113 
I77   C08 N07  doub Y N 114 
I77   C08 C05  sing Y N 115 
I77   N07 C06  sing Y N 116 
I77   C05 C04  doub Y N 117 
I77   C06 C03  doub Y N 118 
I77   C04 C03  sing Y N 119 
I77   C03 C02  sing N N 120 
I77   C02 N01  sing N N 121 
I77   C02 O19  doub N N 122 
I77   C11 H111 sing N N 123 
I77   C17 H171 sing N N 124 
I77   C18 H181 sing N N 125 
I77   C04 H041 sing N N 126 
I77   C05 H051 sing N N 127 
I77   C06 H061 sing N N 128 
I77   N01 H011 sing N N 129 
I77   N01 H012 sing N N 130 
I77   N14 H141 sing N N 131 
I77   N15 H1   sing N N 132 
I77   N15 H2   sing N N 133 
LEU   N   CA   sing N N 134 
LEU   N   H    sing N N 135 
LEU   N   H2   sing N N 136 
LEU   CA  C    sing N N 137 
LEU   CA  CB   sing N N 138 
LEU   CA  HA   sing N N 139 
LEU   C   O    doub N N 140 
LEU   C   OXT  sing N N 141 
LEU   CB  CG   sing N N 142 
LEU   CB  HB2  sing N N 143 
LEU   CB  HB3  sing N N 144 
LEU   CG  CD1  sing N N 145 
LEU   CG  CD2  sing N N 146 
LEU   CG  HG   sing N N 147 
LEU   CD1 HD11 sing N N 148 
LEU   CD1 HD12 sing N N 149 
LEU   CD1 HD13 sing N N 150 
LEU   CD2 HD21 sing N N 151 
LEU   CD2 HD22 sing N N 152 
LEU   CD2 HD23 sing N N 153 
LEU   OXT HXT  sing N N 154 
# 
_pdbx_audit_support.funding_organization   'Department of Energy (DOE, United States)' 
_pdbx_audit_support.country                'United States' 
_pdbx_audit_support.grant_number           DE-AC02-06CH11357 
_pdbx_audit_support.ordinal                1 
# 
_pdbx_initial_refinement_model.id               1 
_pdbx_initial_refinement_model.entity_id_list   ? 
_pdbx_initial_refinement_model.type             'experimental model' 
_pdbx_initial_refinement_model.source_name      PDB 
_pdbx_initial_refinement_model.accession_code   7TLS 
_pdbx_initial_refinement_model.details          ? 
# 
_space_group.name_H-M_alt     'P 1 21 1' 
_space_group.name_Hall        'P 2yb' 
_space_group.IT_number        4 
_space_group.crystal_system   monoclinic 
_space_group.id               1 
# 
_atom_sites.entry_id                    9BZV 
_atom_sites.Cartn_transf_matrix[1][1]   ? 
_atom_sites.Cartn_transf_matrix[1][2]   ? 
_atom_sites.Cartn_transf_matrix[1][3]   ? 
_atom_sites.Cartn_transf_matrix[2][1]   ? 
_atom_sites.Cartn_transf_matrix[2][2]   ? 
_atom_sites.Cartn_transf_matrix[2][3]   ? 
_atom_sites.Cartn_transf_matrix[3][1]   ? 
_atom_sites.Cartn_transf_matrix[3][2]   ? 
_atom_sites.Cartn_transf_matrix[3][3]   ? 
_atom_sites.Cartn_transf_vector[1]      ? 
_atom_sites.Cartn_transf_vector[2]      ? 
_atom_sites.Cartn_transf_vector[3]      ? 
_atom_sites.Cartn_transform_axes        ? 
_atom_sites.fract_transf_matrix[1][1]   -0.02987383 
_atom_sites.fract_transf_matrix[1][2]   0.06015897 
_atom_sites.fract_transf_matrix[1][3]   0.02891234 
_atom_sites.fract_transf_matrix[2][1]   0.03620699 
_atom_sites.fract_transf_matrix[2][2]   -0.01294670 
_atom_sites.fract_transf_matrix[2][3]   0.06434973 
_atom_sites.fract_transf_matrix[3][1]   0.02618899 
_atom_sites.fract_transf_matrix[3][2]   0.01986034 
_atom_sites.fract_transf_matrix[3][3]   -0.01073973 
_atom_sites.fract_transf_vector[1]      -0.038163 
_atom_sites.fract_transf_vector[2]      -0.229501 
_atom_sites.fract_transf_vector[3]      -0.183262 
_atom_sites.solution_primary            ? 
_atom_sites.solution_secondary          ? 
_atom_sites.solution_hydrogens          ? 
_atom_sites.special_details             ? 
# 
loop_
_atom_type.symbol 
_atom_type.scat_dispersion_real 
_atom_type.scat_dispersion_imag 
_atom_type.scat_Cromer_Mann_a1 
_atom_type.scat_Cromer_Mann_a2 
_atom_type.scat_Cromer_Mann_a3 
_atom_type.scat_Cromer_Mann_a4 
_atom_type.scat_Cromer_Mann_b1 
_atom_type.scat_Cromer_Mann_b2 
_atom_type.scat_Cromer_Mann_b3 
_atom_type.scat_Cromer_Mann_b4 
_atom_type.scat_Cromer_Mann_c 
_atom_type.scat_source 
_atom_type.scat_dispersion_source 
C ? ? 2.51340 1.74867 1.72398 ? 31.80534 0.44561  10.58317 ? 0.0 
;3-Gaussian fit: Grosse-Kunstleve RW, Sauter NK, Adams PD: Newsletter of the IUCr Commission on Crystallographic Computing 2004, 3, 22-31.
;
? 
H ? ? 0.53795 0.34799 0.11320 ? 10.08003 29.74760 2.57510  ? 0.0 
;3-Gaussian fit: Grosse-Kunstleve RW, Sauter NK, Adams PD: Newsletter of the IUCr Commission on Crystallographic Computing 2004, 3, 22-31.
;
? 
N ? ? 2.99955 2.25584 1.72788 ? 23.27268 7.45433  0.31622  ? 0.0 
;3-Gaussian fit: Grosse-Kunstleve RW, Sauter NK, Adams PD: Newsletter of the IUCr Commission on Crystallographic Computing 2004, 3, 22-31.
;
? 
O ? ? 3.21184 3.04156 1.73156 ? 18.83700 5.90590  0.24126  ? 0.0 
;3-Gaussian fit: Grosse-Kunstleve RW, Sauter NK, Adams PD: Newsletter of the IUCr Commission on Crystallographic Computing 2004, 3, 22-31.
;
? 
# 
loop_
_atom_site.group_PDB 
_atom_site.id 
_atom_site.type_symbol 
_atom_site.label_atom_id 
_atom_site.label_alt_id 
_atom_site.label_comp_id 
_atom_site.label_asym_id 
_atom_site.label_entity_id 
_atom_site.label_seq_id 
_atom_site.pdbx_PDB_ins_code 
_atom_site.Cartn_x 
_atom_site.Cartn_y 
_atom_site.Cartn_z 
_atom_site.occupancy 
_atom_site.B_iso_or_equiv 
_atom_site.pdbx_formal_charge 
_atom_site.auth_seq_id 
_atom_site.auth_comp_id 
_atom_site.auth_asym_id 
_atom_site.auth_atom_id 
_atom_site.pdbx_PDB_model_num 
ATOM   1   N N    . LEU   A 1 1 ? -6.05291  4.63563   -1.42705 1.000 3.22140  ? 2   LEU   A N    1 
ATOM   2   C CA   . LEU   A 1 1 ? -4.68511  4.78056   -1.89781 1.000 2.70658  ? 2   LEU   A CA   1 
ATOM   3   C C    . LEU   A 1 1 ? -3.65765  4.20266   -0.92578 1.000 2.62468  ? 2   LEU   A C    1 
ATOM   4   O O    . LEU   A 1 1 ? -2.67672  3.59036   -1.35341 1.000 2.92852  ? 2   LEU   A O    1 
ATOM   5   C CB   . LEU   A 1 1 ? -4.42152  6.26568   -2.14243 1.000 3.19820  ? 2   LEU   A CB   1 
ATOM   6   C CG   . LEU   A 1 1 ? -3.01529  6.62364   -2.62207 1.000 3.60803  ? 2   LEU   A CG   1 
ATOM   7   C CD1  . LEU   A 1 1 ? -2.63785  5.85788   -3.89061 1.000 4.44131  ? 2   LEU   A CD1  1 
ATOM   8   C CD2  . LEU   A 1 1 ? -2.93200  8.12535   -2.85918 1.000 4.14936  ? 2   LEU   A CD2  1 
ATOM   9   H H1   . LEU   A 1 1 ? -6.29656  5.22287   -0.84623 1.000 3.85602  ? 2   LEU   A H1   1 
ATOM   10  H HA   . LEU   A 1 1 ? -4.57076  4.28286   -2.72250 1.000 3.23823  ? 2   LEU   A HA   1 
ATOM   11  H HB2  . LEU   A 1 1 ? -5.04384  6.57637   -2.81851 1.000 3.82819  ? 2   LEU   A HB2  1 
ATOM   12  H HB3  . LEU   A 1 1 ? -4.57127  6.74093   -1.31019 1.000 3.82819  ? 2   LEU   A HB3  1 
ATOM   13  H HG   . LEU   A 1 1 ? -2.37427  6.36958   -1.93983 1.000 4.31998  ? 2   LEU   A HG   1 
ATOM   14  H HD11 . LEU   A 1 1 ? -2.61871  4.90852   -3.69249 1.000 5.31992  ? 2   LEU   A HD11 1 
ATOM   15  H HD12 . LEU   A 1 1 ? -3.29848  6.03923   -4.57731 1.000 5.31992  ? 2   LEU   A HD12 1 
ATOM   16  H HD13 . LEU   A 1 1 ? -1.76247  6.15142   -4.18800 1.000 5.31992  ? 2   LEU   A HD13 1 
ATOM   17  H HD21 . LEU   A 1 1 ? -3.60555  8.38030   -3.50897 1.000 4.96957  ? 2   LEU   A HD21 1 
ATOM   18  H HD22 . LEU   A 1 1 ? -3.08992  8.58671   -2.02067 1.000 4.96957  ? 2   LEU   A HD22 1 
ATOM   19  H HD23 . LEU   A 1 1 ? -2.04868  8.34345   -3.19547 1.000 4.96957  ? 2   LEU   A HD23 1 
HETATM 20  N N    . AIB   A 1 2 ? -3.86809  4.37697   0.38008  1.000 2.58489  ? 3   AIB   A N    1 
HETATM 21  C CA   . AIB   A 1 2 ? -2.92159  3.86061   1.36810  1.000 2.62691  ? 3   AIB   A CA   1 
HETATM 22  C C    . AIB   A 1 2 ? -2.66236  2.36552   1.12114  1.000 2.93511  ? 3   AIB   A C    1 
HETATM 23  O O    . AIB   A 1 2 ? -1.53308  1.90974   1.07501  1.000 3.41247  ? 3   AIB   A O    1 
HETATM 24  C CB1  . AIB   A 1 2 ? -1.60512  4.63375   1.28273  1.000 3.30046  ? 3   AIB   A CB1  1 
HETATM 25  C CB2  . AIB   A 1 2 ? -3.51937  4.00099   2.76446  1.000 3.08694  ? 3   AIB   A CB2  1 
HETATM 26  H H    . AIB   A 1 2 ? -4.43007  5.10610   0.77320  1.000 3.09221  ? 3   AIB   A H    1 
HETATM 27  H HB11 . AIB   A 1 2 ? -1.20586  4.58335   0.24181  1.000 3.95090  ? 3   AIB   A HB11 1 
HETATM 28  H HB12 . AIB   A 1 2 ? -1.77692  5.70121   1.55924  1.000 3.95090  ? 3   AIB   A HB12 1 
HETATM 29  H HB13 . AIB   A 1 2 ? -0.86046  4.18761   1.98408  1.000 3.95090  ? 3   AIB   A HB13 1 
HETATM 30  H HB21 . AIB   A 1 2 ? -2.83677  3.51621   3.50388  1.000 3.69467  ? 3   AIB   A HB21 1 
HETATM 31  H HB22 . AIB   A 1 2 ? -3.63184  5.08580   3.00574  1.000 3.69467  ? 3   AIB   A HB22 1 
HETATM 32  H HB23 . AIB   A 1 2 ? -4.51832  3.50165   2.78549  1.000 3.69467  ? 3   AIB   A HB23 1 
ATOM   33  N N    . ALA   A 1 3 ? -3.74121  1.59745   0.98200  1.000 2.96027  ? 4   ALA   A N    1 
ATOM   34  C CA   . ALA   A 1 3 ? -3.60160  0.15932   0.75507  1.000 3.51480  ? 4   ALA   A CA   1 
ATOM   35  C C    . ALA   A 1 3 ? -2.76044  -0.15269  -0.49078 1.000 3.04962  ? 4   ALA   A C    1 
ATOM   36  O O    . ALA   A 1 3 ? -1.91246  -1.05860  -0.49344 1.000 3.51019  ? 4   ALA   A O    1 
ATOM   37  C CB   . ALA   A 1 3 ? -4.97634  -0.49289  0.61022  1.000 4.60328  ? 4   ALA   A CB   1 
ATOM   38  H H    . ALA   A 1 3 ? -4.55276  1.88020   1.01441  1.000 3.54266  ? 4   ALA   A H    1 
ATOM   39  H HA   . ALA   A 1 3 ? -3.14772  -0.21702  1.52532  1.000 4.20810  ? 4   ALA   A HA   1 
ATOM   40  H HB1  . ALA   A 1 3 ? -4.85955  -1.43641  0.41779  1.000 5.51428  ? 4   ALA   A HB1  1 
ATOM   41  H HB2  . ALA   A 1 3 ? -5.46711  -0.38274  1.43963  1.000 5.51428  ? 4   ALA   A HB2  1 
ATOM   42  H HB3  . ALA   A 1 3 ? -5.45446  -0.06378  -0.11652 1.000 5.51428  ? 4   ALA   A HB3  1 
HETATM 43  N N    . AIB   A 1 4 ? -3.05594  0.57277   -1.56631 1.000 2.88153  ? 5   AIB   A N    1 
HETATM 44  C CA   . AIB   A 1 4 ? -2.44333  0.36065   -2.87599 1.000 2.93275  ? 5   AIB   A CA   1 
HETATM 45  C C    . AIB   A 1 4 ? -0.91054  0.47009   -2.77345 1.000 2.63528  ? 5   AIB   A C    1 
HETATM 46  O O    . AIB   A 1 4 ? -0.15313  -0.20643  -3.46457 1.000 3.18195  ? 5   AIB   A O    1 
HETATM 47  C CB1  . AIB   A 1 4 ? -2.83861  -1.01290  -3.44244 1.000 3.82933  ? 5   AIB   A CB1  1 
HETATM 48  C CB2  . AIB   A 1 4 ? -2.93327  1.46695   -3.82746 1.000 3.38635  ? 5   AIB   A CB2  1 
HETATM 49  H H    . AIB   A 1 4 ? -3.92239  1.05972   -1.68522 1.000 3.44818  ? 5   AIB   A H    1 
HETATM 50  H HB11 . AIB   A 1 4 ? -3.95036  -1.08950  -3.50247 1.000 4.58554  ? 5   AIB   A HB11 1 
HETATM 51  H HB12 . AIB   A 1 4 ? -2.40589  -1.13761  -4.46354 1.000 4.58554  ? 5   AIB   A HB12 1 
HETATM 52  H HB13 . AIB   A 1 4 ? -2.44988  -1.82035  -2.77733 1.000 4.58554  ? 5   AIB   A HB13 1 
HETATM 53  H HB21 . AIB   A 1 4 ? -2.52499  1.27623   -4.84953 1.000 4.05396  ? 5   AIB   A HB21 1 
HETATM 54  H HB22 . AIB   A 1 4 ? -4.04984  1.45526   -3.85621 1.000 4.05396  ? 5   AIB   A HB22 1 
HETATM 55  H HB23 . AIB   A 1 4 ? -2.57329  2.45586   -3.45310 1.000 4.05396  ? 5   AIB   A HB23 1 
ATOM   56  N N    . LEU   A 1 5 ? -0.46023  1.37679   -1.90132 1.000 2.58274  ? 6   LEU   A N    1 
ATOM   57  C CA   . LEU   A 1 5 ? 0.97400   1.57352   -1.67808 1.000 2.70552  ? 6   LEU   A CA   1 
ATOM   58  C C    . LEU   A 1 5 ? 1.54309   0.63896   -0.59487 1.000 3.14635  ? 6   LEU   A C    1 
ATOM   59  O O    . LEU   A 1 5 ? 2.62101   0.06348   -0.75769 1.000 3.56507  ? 6   LEU   A O    1 
ATOM   60  C CB   . LEU   A 1 5 ? 1.24797   3.03216   -1.29999 1.000 2.98416  ? 6   LEU   A CB   1 
ATOM   61  C CG   . LEU   A 1 5 ? 0.63840   4.08461   -2.23139 1.000 3.50115  ? 6   LEU   A CG   1 
ATOM   62  C CD1  . LEU   A 1 5 ? 0.97465   5.48094   -1.72647 1.000 4.21312  ? 6   LEU   A CD1  1 
ATOM   63  C CD2  . LEU   A 1 5 ? 1.09296   3.91960   -3.67527 1.000 4.76684  ? 6   LEU   A CD2  1 
ATOM   64  H H    . LEU   A 1 5 ? -0.96408  1.88864   -1.42830 1.000 3.08963  ? 6   LEU   A H    1 
ATOM   65  H HA   . LEU   A 1 5 ? 1.43855   1.36249   -2.50305 1.000 3.23697  ? 6   LEU   A HA   1 
ATOM   66  H HB2  . LEU   A 1 5 ? 0.88818   3.18870   -0.41289 1.000 3.57133  ? 6   LEU   A HB2  1 
ATOM   67  H HB3  . LEU   A 1 5 ? 2.20810   3.17014   -1.29770 1.000 3.57133  ? 6   LEU   A HB3  1 
ATOM   68  H HG   . LEU   A 1 5 ? -0.32415  3.96468   -2.22893 1.000 4.19172  ? 6   LEU   A HG   1 
ATOM   69  H HD11 . LEU   A 1 5 ? 0.47433   6.13233   -2.24248 1.000 5.04609  ? 6   LEU   A HD11 1 
ATOM   70  H HD12 . LEU   A 1 5 ? 0.73247   5.54470   -0.78935 1.000 5.04609  ? 6   LEU   A HD12 1 
ATOM   71  H HD13 . LEU   A 1 5 ? 1.92640   5.63471   -1.83336 1.000 5.04609  ? 6   LEU   A HD13 1 
ATOM   72  H HD21 . LEU   A 1 5 ? 0.65149   4.58696   -4.22356 1.000 5.71056  ? 6   LEU   A HD21 1 
ATOM   73  H HD22 . LEU   A 1 5 ? 2.05460   4.03887   -3.71920 1.000 5.71056  ? 6   LEU   A HD22 1 
ATOM   74  H HD23 . LEU   A 1 5 ? 0.85561   3.03031   -3.98141 1.000 5.71056  ? 6   LEU   A HD23 1 
HETATM 75  N N    . AIB   A 1 6 ? 0.80448   0.51539   0.50791  1.000 3.28339  ? 7   AIB   A N    1 
HETATM 76  C CA   . AIB   A 1 6 ? 1.20956   -0.21350  1.69898  1.000 3.93902  ? 7   AIB   A CA   1 
HETATM 77  C C    . AIB   A 1 6 ? 1.52371   -1.67696  1.42686  1.000 2.86847  ? 7   AIB   A C    1 
HETATM 78  O O    . AIB   A 1 6 ? 2.23219   -2.32442  2.18155  1.000 2.85473  ? 7   AIB   A O    1 
HETATM 79  C CB1  . AIB   A 1 6 ? 2.43787   0.43672   2.35297  1.000 5.18179  ? 7   AIB   A CB1  1 
HETATM 80  C CB2  . AIB   A 1 6 ? 0.03463   -0.22699  2.69379  1.000 4.69840  ? 7   AIB   A CB2  1 
HETATM 81  H H    . AIB   A 1 6 ? -0.19379  0.58926   0.50921  1.000 3.93041  ? 7   AIB   A H    1 
HETATM 82  H HB11 . AIB   A 1 6 ? 3.28296   0.46206   1.62453  1.000 6.20850  ? 7   AIB   A HB11 1 
HETATM 83  H HB12 . AIB   A 1 6 ? 2.19041   1.47915   2.66531  1.000 6.20850  ? 7   AIB   A HB12 1 
HETATM 84  H HB13 . AIB   A 1 6 ? 2.74320   -0.15307  3.24984  1.000 6.20850  ? 7   AIB   A HB13 1 
HETATM 85  H HB21 . AIB   A 1 6 ? 0.36623   -0.71286  3.64335  1.000 5.62843  ? 7   AIB   A HB21 1 
HETATM 86  H HB22 . AIB   A 1 6 ? -0.28407  0.82427   2.89617  1.000 5.62843  ? 7   AIB   A HB22 1 
HETATM 87  H HB23 . AIB   A 1 6 ? -0.81340  -0.80201  2.24892  1.000 5.62843  ? 7   AIB   A HB23 1 
ATOM   88  N N    . GLN   A 1 7 ? 0.95600   -2.21495  0.34852  1.000 2.49615  ? 8   GLN   A N    1 
ATOM   89  C CA   . GLN   A 1 7 ? 1.19628   -3.60573  -0.00302 1.000 2.24106  ? 8   GLN   A CA   1 
ATOM   90  C C    . GLN   A 1 7 ? 2.68415   -3.91657  -0.19386 1.000 1.86901  ? 8   GLN   A C    1 
ATOM   91  O O    . GLN   A 1 7 ? 3.06025   -5.08097  -0.07143 1.000 2.26006  ? 8   GLN   A O    1 
ATOM   92  C CB   . GLN   A 1 7 ? 0.40444   -4.00314  -1.25226 1.000 2.17858  ? 8   GLN   A CB   1 
ATOM   93  C CG   . GLN   A 1 7 ? 0.85393   -3.27202  -2.51031 1.000 2.40065  ? 8   GLN   A CG   1 
ATOM   94  C CD   . GLN   A 1 7 ? 0.17764   -3.76945  -3.76488 1.000 2.27197  ? 8   GLN   A CD   1 
ATOM   95  O OE1  . GLN   A 1 7 ? 0.02444   -4.98671  -3.97183 1.000 2.55347  ? 8   GLN   A OE1  1 
ATOM   96  N NE2  . GLN   A 1 7 ? -0.19584  -2.84492  -4.63642 1.000 2.91595  ? 8   GLN   A NE2  1 
ATOM   97  H H    . GLN   A 1 7 ? 0.43216   -1.79555  -0.18933 1.000 2.98572  ? 8   GLN   A H    1 
ATOM   98  H HA   . GLN   A 1 7 ? 0.88609   -4.15246  0.73574  1.000 2.67962  ? 8   GLN   A HA   1 
ATOM   99  H HB2  . GLN   A 1 7 ? 0.51641   -4.95452  -1.40467 1.000 2.60463  ? 8   GLN   A HB2  1 
ATOM   100 H HB3  . GLN   A 1 7 ? -0.53259  -3.79835  -1.10755 1.000 2.60463  ? 8   GLN   A HB3  1 
ATOM   101 H HG2  . GLN   A 1 7 ? 0.64838   -2.32879  -2.41555 1.000 2.87113  ? 8   GLN   A HG2  1 
ATOM   102 H HG3  . GLN   A 1 7 ? 1.81004   -3.39386  -2.61947 1.000 2.87113  ? 8   GLN   A HG3  1 
ATOM   103 H HE21 . GLN   A 1 7 ? -0.04873  -2.01385  -4.47125 1.000 3.48948  ? 8   GLN   A HE21 1 
ATOM   104 H HE22 . GLN   A 1 7 ? -0.58548  -3.07561  -5.36756 1.000 3.48948  ? 8   GLN   A HE22 1 
HETATM 105 N N    . AIB   A 1 8 ? 3.51850   -2.92111  -0.49541 1.000 2.26004  ? 9   AIB   A N    1 
HETATM 106 C CA   . AIB   A 1 8 ? 4.97059   -3.10086  -0.55861 1.000 2.68363  ? 9   AIB   A CA   1 
HETATM 107 C C    . AIB   A 1 8 ? 5.50069   -3.75737  0.73758  1.000 2.49392  ? 9   AIB   A C    1 
HETATM 108 O O    . AIB   A 1 8 ? 6.42341   -4.56388  0.72637  1.000 3.19117  ? 9   AIB   A O    1 
HETATM 109 C CB1  . AIB   A 1 8 ? 5.36917   -3.97419  -1.76472 1.000 3.06314  ? 9   AIB   A CB1  1 
HETATM 110 C CB2  . AIB   A 1 8 ? 5.62957   -1.71521  -0.67579 1.000 3.14737  ? 9   AIB   A CB2  1 
HETATM 111 H H    . AIB   A 1 8 ? 3.30389   -1.95230  -0.36374 1.000 2.70239  ? 9   AIB   A H    1 
HETATM 112 H HB11 . AIB   A 1 8 ? 5.09201   -3.45530  -2.71309 1.000 3.66611  ? 9   AIB   A HB11 1 
HETATM 113 H HB12 . AIB   A 1 8 ? 6.47062   -4.15334  -1.75207 1.000 3.66611  ? 9   AIB   A HB12 1 
HETATM 114 H HB13 . AIB   A 1 8 ? 4.83681   -4.95365  -1.71248 1.000 3.66611  ? 9   AIB   A HB13 1 
HETATM 115 H HB21 . AIB   A 1 8 ? 5.30578   -1.23698  -1.63190 1.000 3.76719  ? 9   AIB   A HB21 1 
HETATM 116 H HB22 . AIB   A 1 8 ? 5.31173   -1.08569  0.19046  1.000 3.76719  ? 9   AIB   A HB22 1 
HETATM 117 H HB23 . AIB   A 1 8 ? 6.73983   -1.83758  -0.66925 1.000 3.76719  ? 9   AIB   A HB23 1 
ATOM   118 N N    . LEU   A 1 9 ? 4.91806   -3.34252  1.86383  1.000 2.35583  ? 10  LEU   A N    1 
ATOM   119 C CA   . LEU   A 1 9 ? 5.30121   -3.81458  3.19136  1.000 2.26367  ? 10  LEU   A CA   1 
ATOM   120 C C    . LEU   A 1 9 ? 4.42639   -4.95557  3.69128  1.000 2.54963  ? 10  LEU   A C    1 
ATOM   121 O O    . LEU   A 1 9 ? 4.84299   -5.87600  4.37254  1.000 2.84960  ? 10  LEU   A O    1 
ATOM   122 C CB   . LEU   A 1 9 ? 5.25793   -2.64196  4.19020  1.000 2.89392  ? 10  LEU   A CB   1 
ATOM   123 C CG   . LEU   A 1 9 ? 6.20367   -1.50334  3.80296  1.000 3.23111  ? 10  LEU   A CG   1 
ATOM   124 C CD1  . LEU   A 1 9 ? 6.07255   -0.34817  4.80086  1.000 5.11688  ? 10  LEU   A CD1  1 
ATOM   125 C CD2  . LEU   A 1 9 ? 7.65338   -1.97611  3.71015  1.000 4.98972  ? 10  LEU   A CD2  1 
ATOM   126 H H    . LEU   A 1 9 ? 4.27745   -2.76911  1.88474  1.000 2.81734  ? 10  LEU   A H    1 
ATOM   127 H HA   . LEU   A 1 9 ? 6.20503   -4.16302  3.14029  1.000 2.70675  ? 10  LEU   A HA   1 
ATOM   128 H HB2  . LEU   A 1 9 ? 4.35569   -2.28714  4.22131  1.000 3.46305  ? 10  LEU   A HB2  1 
ATOM   129 H HB3  . LEU   A 1 9 ? 5.51788   -2.96477  5.06720  1.000 3.46305  ? 10  LEU   A HB3  1 
ATOM   130 H HG   . LEU   A 1 9 ? 5.95484   -1.18334  2.92173  1.000 3.86768  ? 10  LEU   A HG   1 
ATOM   131 H HD11 . LEU   A 1 9 ? 6.66613   0.37034   4.53198  1.000 6.13061  ? 10  LEU   A HD11 1 
ATOM   132 H HD12 . LEU   A 1 9 ? 5.15437   -0.03538  4.80301  1.000 6.13061  ? 10  LEU   A HD12 1 
ATOM   133 H HD13 . LEU   A 1 9 ? 6.31607   -0.66515  5.68468  1.000 6.13061  ? 10  LEU   A HD13 1 
ATOM   134 H HD21 . LEU   A 1 9 ? 8.23202   -1.20349  3.61455  1.000 5.97801  ? 10  LEU   A HD21 1 
ATOM   135 H HD22 . LEU   A 1 9 ? 7.87987   -2.46091  4.51922  1.000 5.97801  ? 10  LEU   A HD22 1 
ATOM   136 H HD23 . LEU   A 1 9 ? 7.74732   -2.55716  2.93913  1.000 5.97801  ? 10  LEU   A HD23 1 
HETATM 137 C C11  . I77   B 2 . ? 0.28687   -7.87008  4.21857  1.000 3.60427  ? 101 I77   A C11  1 
HETATM 138 C C12  . I77   B 2 . ? 0.40704   -6.73224  5.02497  1.000 3.66977  ? 101 I77   A C12  1 
HETATM 139 C C13  . I77   B 2 . ? 1.48205   -5.69130  4.84077  1.000 3.62850  ? 101 I77   A C13  1 
HETATM 140 C C17  . I77   B 2 . ? -0.51092  -6.50937  6.03389  1.000 5.10371  ? 101 I77   A C17  1 
HETATM 141 C C18  . I77   B 2 . ? -1.51522  -7.42706  6.21901  1.000 4.88992  ? 101 I77   A C18  1 
HETATM 142 C C02  . I77   B 2 . ? -5.69386  -12.34760 6.47500  1.000 3.68726  ? 101 I77   A C02  1 
HETATM 143 C C03  . I77   B 2 . ? -4.54756  -11.40725 6.11733  1.000 3.58024  ? 101 I77   A C03  1 
HETATM 144 C C04  . I77   B 2 . ? -3.50266  -11.74787 5.28165  1.000 3.53770  ? 101 I77   A C04  1 
HETATM 145 C C05  . I77   B 2 . ? -2.53868  -10.79909 5.02336  1.000 3.29645  ? 101 I77   A C05  1 
HETATM 146 C C06  . I77   B 2 . ? -4.58972  -10.14061 6.66983  1.000 5.07875  ? 101 I77   A C06  1 
HETATM 147 C C08  . I77   B 2 . ? -2.64831  -9.55508  5.61233  1.000 3.80379  ? 101 I77   A C08  1 
HETATM 148 C C09  . I77   B 2 . ? -1.57407  -8.53823  5.38368  1.000 4.07080  ? 101 I77   A C09  1 
HETATM 149 N N01  . I77   B 2 . ? -5.56444  -13.67970 6.05806  1.000 4.01957  ? 101 I77   A N01  1 
HETATM 150 N N07  . I77   B 2 . ? -3.64316  -9.24501  6.41914  1.000 5.33266  ? 101 I77   A N07  1 
HETATM 151 N N10  . I77   B 2 . ? -0.68738  -8.75130  4.42990  1.000 3.83988  ? 101 I77   A N10  1 
HETATM 152 N N14  . I77   B 2 . ? 2.15959   -5.79480  3.61345  1.000 3.08187  ? 101 I77   A N14  1 
HETATM 153 N N15  . I77   B 2 . ? 3.09108   -4.84411  3.27582  1.000 3.05132  ? 101 I77   A N15  1 
HETATM 154 O O16  . I77   B 2 . ? 1.74666   -4.86413  5.66161  1.000 5.47336  ? 101 I77   A O16  1 
HETATM 155 O O19  . I77   B 2 . ? -6.65099  -11.97158 7.08008  1.000 4.44586  ? 101 I77   A O19  1 
HETATM 156 H H111 . I77   B 2 . ? 0.99113   -8.03423  3.41776  1.000 4.31546  ? 101 I77   A H111 1 
HETATM 157 H H171 . I77   B 2 . ? -0.43922  -5.62561  6.66786  1.000 6.11480  ? 101 I77   A H171 1 
HETATM 158 H H181 . I77   B 2 . ? -2.25324  -7.28771  7.00619  1.000 5.85825  ? 101 I77   A H181 1 
HETATM 159 H H041 . I77   B 2 . ? -3.44334  -12.72711 4.84457  1.000 4.23558  ? 101 I77   A H041 1 
HETATM 160 H H051 . I77   B 2 . ? -1.70671  -11.02514 4.36792  1.000 3.94609  ? 101 I77   A H051 1 
HETATM 161 H H061 . I77   B 2 . ? -5.41129  -9.87413  7.31990  1.000 6.08484  ? 101 I77   A H061 1 
HETATM 162 H H011 . I77   B 2 . ? -4.75582  -13.97369 5.55578  1.000 4.81383  ? 101 I77   A H011 1 
HETATM 163 H H012 . I77   B 2 . ? -6.29088  -14.34499 6.26845  1.000 4.81383  ? 101 I77   A H012 1 
HETATM 164 H H141 . I77   B 2 . ? 1.96402   -6.55818  2.98811  1.000 3.68859  ? 101 I77   A H141 1 
HETATM 165 H H1   . I77   B 2 . ? 2.94812   -4.61089  2.30796  1.000 3.65193  ? 101 I77   A H1   1 
HETATM 166 C C05  . I6W   C 3 . ? -9.55860  1.52227   -0.14056 1.000 3.50466  ? 102 I6W   A C05  1 
HETATM 167 C C08  . I6W   C 3 . ? -10.31112 2.52146   0.35422  1.000 3.54601  ? 102 I6W   A C08  1 
HETATM 168 C C09  . I6W   C 3 . ? -11.60148 2.07222   0.97819  1.000 3.63652  ? 102 I6W   A C09  1 
HETATM 169 N N10  . I6W   C 3 . ? -12.02647 0.80658   0.91124  1.000 5.15327  ? 102 I6W   A N10  1 
HETATM 170 C C02  . I6W   C 3 . ? -6.48799  3.30797   -1.23090 1.000 3.39454  ? 102 I6W   A C02  1 
HETATM 171 C C03  . I6W   C 3 . ? -7.88700  3.13210   -0.68409 1.000 3.59519  ? 102 I6W   A C03  1 
HETATM 172 C C04  . I6W   C 3 . ? -8.32145  1.82639   -0.65310 1.000 4.39082  ? 102 I6W   A C04  1 
HETATM 173 C C06  . I6W   C 3 . ? -8.69568  4.14521   -0.18227 1.000 3.69321  ? 102 I6W   A C06  1 
HETATM 174 C C11  . I6W   C 3 . ? -13.15080 0.41172   1.52825  1.000 4.22277  ? 102 I6W   A C11  1 
HETATM 175 C C12  . I6W   C 3 . ? -13.88308 1.34020   2.23052  1.000 4.26213  ? 102 I6W   A C12  1 
HETATM 176 C C13  . I6W   C 3 . ? -15.18852 0.89172   2.90468  1.000 5.11121  ? 102 I6W   A C13  1 
HETATM 177 C C15  . I6W   C 3 . ? -17.09219 1.50332   4.16274  1.000 6.47284  ? 102 I6W   A C15  1 
HETATM 178 C C16  . I6W   C 3 . ? -17.68506 2.80557   4.72109  1.000 7.67181  ? 102 I6W   A C16  1 
HETATM 179 C C18  . I6W   C 3 . ? -13.43866 2.64629   2.31880  1.000 4.38918  ? 102 I6W   A C18  1 
HETATM 180 C C19  . I6W   C 3 . ? -12.27338 3.02057   1.68444  1.000 3.19010  ? 102 I6W   A C19  1 
HETATM 181 N N07  . I6W   C 3 . ? -9.89483  3.80979   0.34146  1.000 4.53876  ? 102 I6W   A N07  1 
HETATM 182 O O01  . I6W   C 3 . ? -5.74303  2.36650   -1.37688 1.000 3.64645  ? 102 I6W   A O01  1 
HETATM 183 O O14  . I6W   C 3 . ? -15.82211 1.89496   3.61504  1.000 5.60123  ? 102 I6W   A O14  1 
HETATM 184 O O17  . I6W   C 3 . ? -15.62563 -0.18935  2.80452  1.000 5.97287  ? 102 I6W   A O17  1 
HETATM 185 H H051 . I6W   C 3 . ? -9.91542  0.51566   -0.13475 1.000 4.19593  ? 102 I6W   A H051 1 
HETATM 186 H H041 . I6W   C 3 . ? -7.66355  1.01014   -1.04719 1.000 5.25932  ? 102 I6W   A H041 1 
HETATM 187 H H061 . I6W   C 3 . ? -8.37091  5.18112   -0.21078 1.000 4.42220  ? 102 I6W   A H061 1 
HETATM 188 H H111 . I6W   C 3 . ? -13.47060 -0.60275  1.47515  1.000 5.05766  ? 102 I6W   A H111 1 
HETATM 189 H H152 . I6W   C 3 . ? -17.73121 1.09243   3.39091  1.000 7.75775  ? 102 I6W   A H152 1 
HETATM 190 H H151 . I6W   C 3 . ? -16.95968 0.77416   4.95246  1.000 7.75775  ? 102 I6W   A H151 1 
HETATM 191 H H162 . I6W   C 3 . ? -17.13900 3.09508   5.63828  1.000 9.19652  ? 102 I6W   A H162 1 
HETATM 192 H H163 . I6W   C 3 . ? -18.75354 2.65046   4.96095  1.000 9.19652  ? 102 I6W   A H163 1 
HETATM 193 H H161 . I6W   C 3 . ? -17.58890 3.60747   3.96548  1.000 9.19652  ? 102 I6W   A H161 1 
HETATM 194 H H181 . I6W   C 3 . ? -14.00819 3.38014   2.88907  1.000 5.25736  ? 102 I6W   A H181 1 
HETATM 195 H H191 . I6W   C 3 . ? -11.90322 4.04175   1.74682  1.000 3.81846  ? 102 I6W   A H191 1 
HETATM 196 C C01  A A1ATB D 4 . ? 11.26824  -7.10761  -1.54925 0.850 6.76870  ? 103 A1ATB A C01  1 
HETATM 197 C C01  B A1ATB D 4 . ? 8.38973   -6.40855  -3.06327 0.150 3.52393  ? 103 A1ATB A C01  1 
HETATM 198 C C02  A A1ATB D 4 . ? 10.63201  -6.09029  -2.49407 0.850 5.81006  ? 103 A1ATB A C02  1 
HETATM 199 C C02  B A1ATB D 4 . ? 9.13413   -6.36802  -1.73171 0.150 3.89262  ? 103 A1ATB A C02  1 
HETATM 200 C C03  A A1ATB D 4 . ? 9.29410   -6.60276  -3.01624 0.850 6.90046  ? 103 A1ATB A C03  1 
HETATM 201 C C03  B A1ATB D 4 . ? 10.01595  -7.60312  -1.55705 0.150 4.01618  ? 103 A1ATB A C03  1 
HETATM 202 C C04  A A1ATB D 4 . ? 10.49834  -4.73767  -1.80532 0.850 4.11763  ? 103 A1ATB A C04  1 
HETATM 203 C C04  B A1ATB D 4 . ? 9.93855   -5.07500  -1.61956 0.150 3.86835  ? 103 A1ATB A C04  1 
HETATM 204 C C05  A A1ATB D 4 . ? 9.46640   -4.47834  -0.91901 0.850 3.83121  ? 103 A1ATB A C05  1 
HETATM 205 C C05  B A1ATB D 4 . ? 11.11002  -4.92449  -2.34093 0.150 4.17047  ? 103 A1ATB A C05  1 
HETATM 206 C C06  A A1ATB D 4 . ? 9.38784   -3.24778  -0.28879 0.850 3.43898  ? 103 A1ATB A C06  1 
HETATM 207 C C06  B A1ATB D 4 . ? 11.83827  -3.75011  -2.24425 0.150 3.89586  ? 103 A1ATB A C06  1 
HETATM 208 C C07  A A1ATB D 4 . ? 10.32556  -2.26806  -0.56081 0.850 4.01546  ? 103 A1ATB A C07  1 
HETATM 209 C C07  B A1ATB D 4 . ? 11.38979  -2.72091  -1.43338 0.150 3.89966  ? 103 A1ATB A C07  1 
HETATM 210 C C08  A A1ATB D 4 . ? 11.34507  -2.51576  -1.45742 0.850 4.03209  ? 103 A1ATB A C08  1 
HETATM 211 C C08  B A1ATB D 4 . ? 10.21463  -2.86670  -0.71673 0.150 3.78688  ? 103 A1ATB A C08  1 
HETATM 212 C C09  A A1ATB D 4 . ? 11.43625  -3.75274  -2.07024 0.850 3.90799  ? 103 A1ATB A C09  1 
HETATM 213 C C09  B A1ATB D 4 . ? 9.48814   -4.04377  -0.81174 0.150 3.83587  ? 103 A1ATB A C09  1 
HETATM 214 H H011 A A1ATB D 4 . ? 11.34056  -8.06937  -2.04842 0.850 8.11279  ? 103 A1ATB A H011 1 
HETATM 215 H H011 B A1ATB D 4 . ? 9.10585   -6.48477  -3.87614 0.150 4.21906  ? 103 A1ATB A H011 1 
HETATM 216 H H012 A A1ATB D 4 . ? 10.65503  -7.20725  -0.65850 0.850 8.11279  ? 103 A1ATB A H012 1 
HETATM 217 H H012 B A1ATB D 4 . ? 7.80572   -5.50032  -3.17928 0.150 4.21906  ? 103 A1ATB A H012 1 
HETATM 218 H H013 A A1ATB D 4 . ? 12.26151  -6.76957  -1.26902 0.850 8.11279  ? 103 A1ATB A H013 1 
HETATM 219 H H013 B A1ATB D 4 . ? 7.72790   -7.26938  -3.08193 0.150 4.21906  ? 103 A1ATB A H013 1 
HETATM 220 H H021 A A1ATB D 4 . ? 11.27851  -5.95531  -3.35239 0.850 6.96242  ? 103 A1ATB A H021 1 
HETATM 221 H H021 B A1ATB D 4 . ? 8.40971   -6.38181  -0.92678 0.150 4.66148  ? 103 A1ATB A H021 1 
HETATM 222 H H033 A A1ATB D 4 . ? 8.68506   -6.93936  -2.18248 0.850 8.27090  ? 103 A1ATB A H033 1 
HETATM 223 H H033 B A1ATB D 4 . ? 9.39842   -8.45265  -1.28074 0.150 4.80976  ? 103 A1ATB A H033 1 
HETATM 224 H H032 A A1ATB D 4 . ? 9.46472   -7.43108  -3.69754 0.850 8.27090  ? 103 A1ATB A H032 1 
HETATM 225 H H032 B A1ATB D 4 . ? 10.74751  -7.41806  -0.77603 0.150 4.80976  ? 103 A1ATB A H032 1 
HETATM 226 H H031 A A1ATB D 4 . ? 8.77976   -5.80280  -3.54056 0.850 8.27090  ? 103 A1ATB A H031 1 
HETATM 227 H H031 B A1ATB D 4 . ? 10.52880  -7.81663  -2.49022 0.150 4.80976  ? 103 A1ATB A H031 1 
HETATM 228 H H051 A A1ATB D 4 . ? 8.72082   -5.23789  -0.71874 0.850 4.58780  ? 103 A1ATB A H051 1 
HETATM 229 H H051 B A1ATB D 4 . ? 11.45765  -5.72551  -2.98156 0.150 4.99491  ? 103 A1ATB A H051 1 
HETATM 230 H H061 A A1ATB D 4 . ? 8.59100   -3.05220  0.41810  0.850 4.11712  ? 103 A1ATB A H061 1 
HETATM 231 H H061 B A1ATB D 4 . ? 12.75897  -3.63674  -2.80313 0.150 4.66538  ? 103 A1ATB A H061 1 
HETATM 232 H H071 A A1ATB D 4 . ? 10.25965  -1.30517  -0.06947 0.850 4.80889  ? 103 A1ATB A H071 1 
HETATM 233 H H071 B A1ATB D 4 . ? 11.95845  -1.80215  -1.36000 0.150 4.66994  ? 103 A1ATB A H071 1 
HETATM 234 H H081 A A1ATB D 4 . ? 12.07152  -1.74416  -1.68061 0.850 4.82885  ? 103 A1ATB A H081 1 
HETATM 235 H H081 B A1ATB D 4 . ? 9.86303   -2.06229  -0.08254 0.150 4.53460  ? 103 A1ATB A H081 1 
HETATM 236 H H091 A A1ATB D 4 . ? 12.24578  -3.95250  -2.76137 0.850 4.67993  ? 103 A1ATB A H091 1 
HETATM 237 H H091 B A1ATB D 4 . ? 8.56706   -4.15715  -0.25348 0.150 4.59339  ? 103 A1ATB A H091 1 
HETATM 238 C C01  A A1ATB E 4 . ? 5.76506   -13.39790 2.25073  0.781 5.02206  ? 104 A1ATB A C01  1 
HETATM 239 C C01  B A1ATB E 4 . ? 5.50168   -7.64593  1.47794  0.219 24.06094 ? 104 A1ATB A C01  1 
HETATM 240 C C02  A A1ATB E 4 . ? 5.73842   -12.71342 0.89182  0.781 5.24668  ? 104 A1ATB A C02  1 
HETATM 241 C C02  B A1ATB E 4 . ? 4.94806   -8.37899  0.26449  0.219 24.03972 ? 104 A1ATB A C02  1 
HETATM 242 C C03  A A1ATB E 4 . ? 4.72498   -13.42125 -0.00518 0.781 6.29748  ? 104 A1ATB A C03  1 
HETATM 243 C C03  B A1ATB E 4 . ? 5.72450   -7.97491  -0.98532 0.219 23.90965 ? 104 A1ATB A C03  1 
HETATM 244 C C04  A A1ATB E 4 . ? 5.43522   -11.21611 1.02014  0.781 5.12780  ? 104 A1ATB A C04  1 
HETATM 245 C C04  B A1ATB E 4 . ? 4.94806   -9.89534  0.46791  0.219 24.24836 ? 104 A1ATB A C04  1 
HETATM 246 C C05  A A1ATB E 4 . ? 4.23796   -10.79507 1.57934  0.781 5.65786  ? 104 A1ATB A C05  1 
HETATM 247 C C05  B A1ATB E 4 . ? 5.51158   -10.47733 1.58609  0.219 24.37957 ? 104 A1ATB A C05  1 
HETATM 248 C C06  A A1ATB E 4 . ? 3.96310   -9.44022  1.69424  0.781 6.39881  ? 104 A1ATB A C06  1 
HETATM 249 C C06  B A1ATB E 4 . ? 5.49918   -11.85327 1.75439  0.219 24.49542 ? 104 A1ATB A C06  1 
HETATM 250 C C07  A A1ATB E 4 . ? 4.87607   -8.50394  1.24269  0.781 6.33428  ? 104 A1ATB A C07  1 
HETATM 251 C C07  B A1ATB E 4 . ? 4.92208   -12.66203 0.79394  0.219 24.52424 ? 104 A1ATB A C07  1 
HETATM 252 C C08  A A1ATB E 4 . ? 6.07322   -8.92546  0.67101  0.781 6.29404  ? 104 A1ATB A C08  1 
HETATM 253 C C08  B A1ATB E 4 . ? 4.36412   -12.08371 -0.32752 0.219 24.45083 ? 104 A1ATB A C08  1 
HETATM 254 C C09  A A1ATB E 4 . ? 6.35980   -10.28450 0.57202  0.781 5.56401  ? 104 A1ATB A C09  1 
HETATM 255 C C09  B A1ATB E 4 . ? 4.37131   -10.70578 -0.47974 0.219 24.35218 ? 104 A1ATB A C09  1 
HETATM 256 H H011 A A1ATB E 4 . ? 6.42140   -12.84913 2.91965  0.781 6.01682  ? 104 A1ATB A H011 1 
HETATM 257 H H011 B A1ATB E 4 . ? 4.93580   -7.92841  2.36077  0.219 28.86347 ? 104 A1ATB A H011 1 
HETATM 258 H H012 A A1ATB E 4 . ? 6.13133   -14.41394 2.13714  0.781 6.01682  ? 104 A1ATB A H012 1 
HETATM 259 H H012 B A1ATB E 4 . ? 5.41884   -6.57433  1.32239  0.219 28.86347 ? 104 A1ATB A H012 1 
HETATM 260 H H013 A A1ATB E 4 . ? 4.76144   -13.41908 2.66511  0.781 6.01682  ? 104 A1ATB A H013 1 
HETATM 261 H H013 B A1ATB E 4 . ? 6.54542   -7.91203  1.61650  0.219 28.86347 ? 104 A1ATB A H013 1 
HETATM 262 H H021 A A1ATB E 4 . ? 6.71951   -12.78716 0.43913  0.781 6.28637  ? 104 A1ATB A H021 1 
HETATM 263 H H021 B A1ATB E 4 . ? 3.91303   -8.08880  0.13263  0.219 28.83801 ? 104 A1ATB A H021 1 
HETATM 264 H H033 A A1ATB E 4 . ? 4.51623   -12.80320 -0.87340 0.781 7.54732  ? 104 A1ATB A H033 1 
HETATM 265 H H033 B A1ATB E 4 . ? 5.16503   -8.26677  -1.86917 0.219 28.68193 ? 104 A1ATB A H033 1 
HETATM 266 H H032 A A1ATB E 4 . ? 3.80624   -13.58919 0.54900  0.781 7.54732  ? 104 A1ATB A H032 1 
HETATM 267 H H032 B A1ATB E 4 . ? 6.69028   -8.47158  -0.98783 0.219 28.68193 ? 104 A1ATB A H032 1 
HETATM 268 H H031 A A1ATB E 4 . ? 5.13191   -14.37468 -0.32890 0.781 7.54732  ? 104 A1ATB A H031 1 
HETATM 269 H H031 B A1ATB E 4 . ? 5.87080   -6.89882  -0.98845 0.219 28.68193 ? 104 A1ATB A H031 1 
HETATM 270 H H051 A A1ATB E 4 . ? 3.51692   -11.52471 1.92665  0.781 6.77977  ? 104 A1ATB A H051 1 
HETATM 271 H H051 B A1ATB E 4 . ? 5.96926   -9.85064  2.34152  0.219 29.24583 ? 104 A1ATB A H051 1 
HETATM 272 H H061 A A1ATB E 4 . ? 3.03087   -9.11437  2.13884  0.781 7.66892  ? 104 A1ATB A H061 1 
HETATM 273 H H061 B A1ATB E 4 . ? 5.94189   -12.29450 2.63882  0.219 29.38485 ? 104 A1ATB A H061 1 
HETATM 274 H H071 A A1ATB E 4 . ? 4.66007   -7.44660  1.33368  0.781 7.59149  ? 104 A1ATB A H071 1 
HETATM 275 H H071 B A1ATB E 4 . ? 4.90793   -13.73756 0.92011  0.219 29.41943 ? 104 A1ATB A H071 1 
HETATM 276 H H081 A A1ATB E 4 . ? 6.78297   -8.19513  0.30258  0.781 7.54319  ? 104 A1ATB A H081 1 
HETATM 277 H H081 B A1ATB E 4 . ? 3.91883   -12.70855 -1.09184 0.219 29.33134 ? 104 A1ATB A H081 1 
HETATM 278 H H091 A A1ATB E 4 . ? 7.30037   -10.61255 0.14705  0.781 6.66716  ? 104 A1ATB A H091 1 
HETATM 279 H H091 B A1ATB E 4 . ? 3.91644   -10.26251 -1.35694 0.219 29.21296 ? 104 A1ATB A H091 1 
HETATM 280 C C01  . A1ATB F 4 . ? -2.03047  -16.90605 7.43833  1.000 8.24318  ? 105 A1ATB A C01  1 
HETATM 281 C C02  . A1ATB F 4 . ? -1.24696  -16.77028 6.13774  1.000 8.12859  ? 105 A1ATB A C02  1 
HETATM 282 C C03  . A1ATB F 4 . ? -0.63107  -18.09680 5.70825  1.000 8.41891  ? 105 A1ATB A C03  1 
HETATM 283 C C04  . A1ATB F 4 . ? -2.07235  -16.14615 5.01181  1.000 6.80795  ? 105 A1ATB A C04  1 
HETATM 284 C C05  . A1ATB F 4 . ? -3.30625  -16.62398 4.57255  1.000 6.75300  ? 105 A1ATB A C05  1 
HETATM 285 C C06  . A1ATB F 4 . ? -3.96718  -15.97753 3.53246  1.000 7.54767  ? 105 A1ATB A C06  1 
HETATM 286 C C07  . A1ATB F 4 . ? -3.40220  -14.87415 2.92332  1.000 7.84164  ? 105 A1ATB A C07  1 
HETATM 287 C C08  . A1ATB F 4 . ? -2.17159  -14.42180 3.35983  1.000 7.67722  ? 105 A1ATB A C08  1 
HETATM 288 C C09  . A1ATB F 4 . ? -1.51095  -15.05531 4.38772  1.000 7.59100  ? 105 A1ATB A C09  1 
HETATM 289 H H011 . A1ATB F 4 . ? -2.85857  -17.59323 7.29201  1.000 9.88216  ? 105 A1ATB A H011 1 
HETATM 290 H H012 . A1ATB F 4 . ? -2.41451  -15.93381 7.73274  1.000 9.88216  ? 105 A1ATB A H012 1 
HETATM 291 H H013 . A1ATB F 4 . ? -1.37645  -17.28781 8.21675  1.000 9.88216  ? 105 A1ATB A H013 1 
HETATM 292 H H021 . A1ATB F 4 . ? -0.43617  -16.08240 6.34351  1.000 9.74466  ? 105 A1ATB A H021 1 
HETATM 293 H H033 . A1ATB F 4 . ? -0.18299  -17.98641 4.72518  1.000 10.09304 ? 105 A1ATB A H033 1 
HETATM 294 H H032 . A1ATB F 4 . ? -1.40359  -18.85917 5.67046  1.000 10.09304 ? 105 A1ATB A H032 1 
HETATM 295 H H031 . A1ATB F 4 . ? 0.13211   -18.38988 6.42313  1.000 10.09304 ? 105 A1ATB A H031 1 
HETATM 296 H H051 . A1ATB F 4 . ? -3.74886  -17.49530 5.03922  1.000 8.09395  ? 105 A1ATB A H051 1 
HETATM 297 H H061 . A1ATB F 4 . ? -4.93079  -16.34196 3.19849  1.000 9.04755  ? 105 A1ATB A H061 1 
HETATM 298 H H071 . A1ATB F 4 . ? -3.91673  -14.37028 2.11446  1.000 9.40031  ? 105 A1ATB A H071 1 
HETATM 299 H H081 . A1ATB F 4 . ? -1.72121  -13.55776 2.88709  1.000 9.20301  ? 105 A1ATB A H081 1 
HETATM 300 H H091 . A1ATB F 4 . ? -0.54199  -14.69274 4.70794  1.000 9.09954  ? 105 A1ATB A H091 1 
HETATM 301 C C01  A A1ATB G 4 . ? -0.77934  -17.43484 0.80524  0.624 42.32623 ? 106 A1ATB A C01  1 
HETATM 302 C C01  B A1ATB G 4 . ? -0.66426  -17.34156 1.07697  0.376 5.54465  ? 106 A1ATB A C01  1 
HETATM 303 C C02  A A1ATB G 4 . ? 0.17534   -16.36903 0.27178  0.624 42.42981 ? 106 A1ATB A C02  1 
HETATM 304 C C02  B A1ATB G 4 . ? 0.82026   -16.98062 1.04444  0.376 5.06165  ? 106 A1ATB A C02  1 
HETATM 305 C C03  A A1ATB G 4 . ? -0.59765  -15.33594 -0.54757 0.624 42.16194 ? 106 A1ATB A C03  1 
HETATM 306 C C03  B A1ATB G 4 . ? 1.35668   -17.01175 -0.38194 0.376 5.36673  ? 106 A1ATB A C03  1 
HETATM 307 C C04  A A1ATB G 4 . ? 0.99053   -15.73605 1.40885  0.624 42.82974 ? 106 A1ATB A C04  1 
HETATM 308 C C04  B A1ATB G 4 . ? 1.05298   -15.62773 1.72468  0.376 4.46750  ? 106 A1ATB A C04  1 
HETATM 309 C C05  A A1ATB G 4 . ? 1.89865   -16.51452 2.11299  0.624 42.88706 ? 106 A1ATB A C05  1 
HETATM 310 C C05  B A1ATB G 4 . ? 1.82162   -15.56334 2.87679  0.376 4.45798  ? 106 A1ATB A C05  1 
HETATM 311 C C06  A A1ATB G 4 . ? 2.64623   -15.96523 3.14537  0.624 43.05536 ? 106 A1ATB A C06  1 
HETATM 312 C C06  B A1ATB G 4 . ? 2.03045   -14.34935 3.51852  0.376 4.35397  ? 106 A1ATB A C06  1 
HETATM 313 C C07  A A1ATB G 4 . ? 2.48771   -14.63121 3.47993  0.624 43.25285 ? 106 A1ATB A C07  1 
HETATM 314 C C07  B A1ATB G 4 . ? 1.46116   -13.19526 3.00382  0.376 4.63044  ? 106 A1ATB A C07  1 
HETATM 315 C C08  A A1ATB G 4 . ? 1.58362   -13.84620 2.77944  0.624 43.32497 ? 106 A1ATB A C08  1 
HETATM 316 C C08  B A1ATB G 4 . ? 0.69740   -13.25290 1.85034  0.376 4.72592  ? 106 A1ATB A C08  1 
HETATM 317 C C09  A A1ATB G 4 . ? 0.83667   -14.39638 1.74701  0.624 43.17283 ? 106 A1ATB A C09  1 
HETATM 318 C C09  B A1ATB G 4 . ? 0.48872   -14.46637 1.21165  0.376 4.30935  ? 106 A1ATB A C09  1 
HETATM 319 H H011 A A1ATB G 4 . ? -1.44446  -17.75619 0.00915  0.624 50.78182 ? 106 A1ATB A H011 1 
HETATM 320 H H011 B A1ATB G 4 . ? -0.80353  -18.33806 0.66834  0.376 6.64392  ? 106 A1ATB A H011 1 
HETATM 321 H H012 A A1ATB G 4 . ? -1.36463  -17.02090 1.62102  0.624 50.78182 ? 106 A1ATB A H012 1 
HETATM 322 H H012 B A1ATB G 4 . ? -1.22405  -16.62521 0.48294  0.376 6.64392  ? 106 A1ATB A H012 1 
HETATM 323 H H013 A A1ATB G 4 . ? -0.20782  -18.28537 1.16492  0.624 50.78182 ? 106 A1ATB A H013 1 
HETATM 324 H H013 B A1ATB G 4 . ? -1.02014  -17.31791 2.10272  0.376 6.64392  ? 106 A1ATB A H013 1 
HETATM 325 H H021 A A1ATB G 4 . ? 0.89346   -16.83597 -0.39092 0.624 50.90612 ? 106 A1ATB A H021 1 
HETATM 326 H H021 B A1ATB G 4 . ? 1.37533   -17.72418 1.60294  0.376 6.06433  ? 106 A1ATB A H021 1 
HETATM 327 H H033 A A1ATB G 4 . ? -1.35482  -14.87144 0.07719  0.624 50.58468 ? 106 A1ATB A H033 1 
HETATM 328 H H033 B A1ATB G 4 . ? 0.64588   -16.52969 -1.04659 0.376 6.43042  ? 106 A1ATB A H033 1 
HETATM 329 H H032 A A1ATB G 4 . ? -1.07501  -15.82634 -1.39079 0.624 50.58468 ? 106 A1ATB A H032 1 
HETATM 330 H H032 B A1ATB G 4 . ? 1.50074   -18.04251 -0.69208 0.376 6.43042  ? 106 A1ATB A H032 1 
HETATM 331 H H031 A A1ATB G 4 . ? 0.08769   -14.57603 -0.91124 0.624 50.58468 ? 106 A1ATB A H031 1 
HETATM 332 H H031 B A1ATB G 4 . ? 2.30562   -16.48524 -0.42338 0.376 6.43042  ? 106 A1ATB A H031 1 
HETATM 333 H H051 A A1ATB G 4 . ? 2.02489   -17.55870 1.85483  0.624 51.45482 ? 106 A1ATB A H051 1 
HETATM 334 H H051 B A1ATB G 4 . ? 2.26267   -16.46675 3.27953  0.376 5.33992  ? 106 A1ATB A H051 1 
HETATM 335 H H061 A A1ATB G 4 . ? 3.35317   -16.57983 3.68888  0.624 51.65678 ? 106 A1ATB A H061 1 
HETATM 336 H H061 B A1ATB G 4 . ? 2.63480   -14.30482 4.41612  0.376 5.21510  ? 106 A1ATB A H061 1 
HETATM 337 H H071 A A1ATB G 4 . ? 3.06832   -14.20144 4.28683  0.624 51.89376 ? 106 A1ATB A H071 1 
HETATM 338 H H071 B A1ATB G 4 . ? 1.61389   -12.24716 3.50448  0.376 5.54687  ? 106 A1ATB A H071 1 
HETATM 339 H H081 A A1ATB G 4 . ? 1.46034   -12.80193 3.03865  0.624 51.98030 ? 106 A1ATB A H081 1 
HETATM 340 H H081 B A1ATB G 4 . ? 0.26163   -12.34782 1.44559  0.376 5.66145  ? 106 A1ATB A H081 1 
HETATM 341 H H091 A A1ATB G 4 . ? 0.13163   -13.77998 1.20305  0.624 51.79773 ? 106 A1ATB A H091 1 
HETATM 342 H H091 B A1ATB G 4 . ? -0.11412  -14.50855 0.31294  0.376 5.16156  ? 106 A1ATB A H091 1 
HETATM 343 O O    . HOH   H 5 . ? 1.62037   -7.00563  1.21127  1.000 4.55496  ? 201 HOH   A O    1 
# 
loop_
_atom_site_anisotrop.id 
_atom_site_anisotrop.type_symbol 
_atom_site_anisotrop.pdbx_label_atom_id 
_atom_site_anisotrop.pdbx_label_alt_id 
_atom_site_anisotrop.pdbx_label_comp_id 
_atom_site_anisotrop.pdbx_label_asym_id 
_atom_site_anisotrop.pdbx_label_seq_id 
_atom_site_anisotrop.pdbx_PDB_ins_code 
_atom_site_anisotrop.U[1][1] 
_atom_site_anisotrop.U[2][2] 
_atom_site_anisotrop.U[3][3] 
_atom_site_anisotrop.U[1][2] 
_atom_site_anisotrop.U[1][3] 
_atom_site_anisotrop.U[2][3] 
_atom_site_anisotrop.pdbx_auth_seq_id 
_atom_site_anisotrop.pdbx_auth_comp_id 
_atom_site_anisotrop.pdbx_auth_asym_id 
_atom_site_anisotrop.pdbx_auth_atom_id 
1   N N   . LEU   A 1 ? 0.03887 0.05388 0.02965 -0.00252 0.00031  -0.00714 2   LEU   A N   
2   C CA  . LEU   A 1 ? 0.03799 0.04602 0.01883 0.00724  0.00441  -0.01053 2   LEU   A CA  
3   C C   . LEU   A 1 ? 0.03479 0.03274 0.03219 0.00937  0.00590  -0.00527 2   LEU   A C   
4   O O   . LEU   A 1 ? 0.03962 0.04055 0.03111 0.00865  0.00691  -0.00663 2   LEU   A O   
5   C CB  . LEU   A 1 ? 0.03816 0.05038 0.03297 0.00808  0.00256  0.00140  2   LEU   A CB  
6   C CG  . LEU   A 1 ? 0.03851 0.05446 0.04412 0.00994  0.00669  0.00535  2   LEU   A CG  
7   C CD1 . LEU   A 1 ? 0.04613 0.07756 0.04507 0.00468  0.01175  0.00200  2   LEU   A CD1 
8   C CD2 . LEU   A 1 ? 0.04138 0.05402 0.06225 0.00855  0.00413  0.01403  2   LEU   A CD2 
20  N N   . AIB   A 2 ? 0.03259 0.03745 0.02817 0.00998  0.00419  -0.00464 3   AIB   A N   
21  C CA  . AIB   A 2 ? 0.04264 0.03305 0.02413 0.01205  0.00090  -0.01202 3   AIB   A CA  
22  C C   . AIB   A 2 ? 0.04251 0.03032 0.03869 0.01657  0.00724  -0.00308 3   AIB   A C   
23  O O   . AIB   A 2 ? 0.04559 0.03768 0.04640 0.01496  0.00381  -0.00835 3   AIB   A O   
24  C CB1 . AIB   A 2 ? 0.04216 0.03536 0.04788 0.01195  0.00743  -0.00989 3   AIB   A CB1 
25  C CB2 . AIB   A 2 ? 0.04321 0.04397 0.03012 0.01842  -0.00036 -0.00850 3   AIB   A CB2 
33  N N   . ALA   A 3 ? 0.03509 0.03611 0.04128 0.01116  0.01514  -0.00489 4   ALA   A N   
34  C CA  . ALA   A 3 ? 0.05075 0.03643 0.04637 0.00185  0.01541  -0.00662 4   ALA   A CA  
35  C C   . ALA   A 3 ? 0.04214 0.03393 0.03980 0.00307  0.00540  -0.00756 4   ALA   A C   
36  O O   . ALA   A 3 ? 0.05124 0.03695 0.04517 0.00487  0.00736  -0.00533 4   ALA   A O   
37  C CB  . ALA   A 3 ? 0.05821 0.04798 0.06871 -0.00628 0.02531  -0.00648 4   ALA   A CB  
43  N N   . AIB   A 4 ? 0.03498 0.03826 0.03624 0.00418  0.00682  -0.00913 5   AIB   A N   
44  C CA  . AIB   A 4 ? 0.04135 0.03833 0.03175 0.00752  0.00500  -0.01751 5   AIB   A CA  
45  C C   . AIB   A 4 ? 0.03947 0.02867 0.03198 0.01434  0.00526  -0.00931 5   AIB   A C   
46  O O   . AIB   A 4 ? 0.04144 0.04088 0.03858 0.01346  -0.00205 -0.01359 5   AIB   A O   
47  C CB1 . AIB   A 4 ? 0.04573 0.05311 0.04665 -0.00212 0.01078  -0.02682 5   AIB   A CB1 
48  C CB2 . AIB   A 4 ? 0.04195 0.05553 0.03120 0.01567  0.00096  -0.00964 5   AIB   A CB2 
56  N N   . LEU   A 5 ? 0.03441 0.03448 0.02925 0.00854  0.00264  -0.00880 6   LEU   A N   
57  C CA  . LEU   A 5 ? 0.03017 0.03245 0.04017 0.01221  0.00162  -0.00611 6   LEU   A CA  
58  C C   . LEU   A 5 ? 0.03738 0.02969 0.05248 0.01508  -0.00422 -0.00814 6   LEU   A C   
59  O O   . LEU   A 5 ? 0.03034 0.03736 0.06777 0.01548  -0.00243 0.00019  6   LEU   A O   
60  C CB  . LEU   A 5 ? 0.02751 0.03614 0.04972 0.01261  0.00285  -0.00777 6   LEU   A CB  
61  C CG  . LEU   A 5 ? 0.03143 0.03788 0.06372 0.00911  0.00652  -0.00145 6   LEU   A CG  
62  C CD1 . LEU   A 5 ? 0.04252 0.03489 0.08267 0.00482  0.01587  0.00085  6   LEU   A CD1 
63  C CD2 . LEU   A 5 ? 0.06179 0.05777 0.06156 0.00108  0.00969  0.00261  6   LEU   A CD2 
75  N N   . AIB   A 6 ? 0.05089 0.03661 0.03726 0.02409  -0.00384 -0.00637 7   AIB   A N   
76  C CA  . AIB   A 6 ? 0.06478 0.04745 0.03744 0.01826  -0.00765 -0.01037 7   AIB   A CA  
77  C C   . AIB   A 6 ? 0.04067 0.03907 0.02924 0.01558  0.00678  -0.00712 7   AIB   A C   
78  O O   . AIB   A 6 ? 0.03561 0.04347 0.02939 0.01272  0.00151  -0.00202 7   AIB   A O   
79  C CB1 . AIB   A 6 ? 0.08405 0.04812 0.06472 0.00808  -0.03155 -0.00603 7   AIB   A CB1 
80  C CB2 . AIB   A 6 ? 0.07825 0.06641 0.03387 0.03015  0.00748  -0.00788 7   AIB   A CB2 
88  N N   . GLN   A 7 ? 0.02964 0.03528 0.02993 0.01784  0.00335  -0.00298 8   GLN   A N   
89  C CA  . GLN   A 7 ? 0.02387 0.03178 0.02950 0.01217  0.00292  0.00274  8   GLN   A CA  
90  C C   . GLN   A 7 ? 0.01795 0.03240 0.02066 0.01253  0.00207  0.00149  8   GLN   A C   
91  O O   . GLN   A 7 ? 0.02065 0.03601 0.02922 0.00991  0.00358  -0.00323 8   GLN   A O   
92  C CB  . GLN   A 7 ? 0.02048 0.03704 0.02526 0.00968  0.00212  -0.00114 8   GLN   A CB  
93  C CG  . GLN   A 7 ? 0.02775 0.03611 0.02734 0.00495  -0.00030 0.00090  8   GLN   A CG  
94  C CD  . GLN   A 7 ? 0.02566 0.03582 0.02484 0.00844  0.00901  -0.00808 8   GLN   A CD  
95  O OE1 . GLN   A 7 ? 0.03068 0.03473 0.03161 0.00529  -0.00006 -0.00148 8   GLN   A OE1 
96  N NE2 . GLN   A 7 ? 0.04840 0.03689 0.02551 0.01515  -0.00576 -0.00574 8   GLN   A NE2 
105 N N   . AIB   A 8 ? 0.02506 0.03908 0.02172 0.00220  0.00426  -0.00098 9   AIB   A N   
106 C CA  . AIB   A 8 ? 0.02839 0.04759 0.02598 -0.00346 0.00489  0.00089  9   AIB   A CA  
107 C C   . AIB   A 8 ? 0.02302 0.04271 0.02902 -0.00035 0.00191  -0.00229 9   AIB   A C   
108 O O   . AIB   A 8 ? 0.02511 0.05865 0.03750 0.00952  0.00550  -0.00047 9   AIB   A O   
109 C CB1 . AIB   A 8 ? 0.03315 0.05519 0.02806 0.00360  0.01038  -0.00666 9   AIB   A CB1 
110 C CB2 . AIB   A 8 ? 0.02968 0.05253 0.03737 -0.00947 0.00095  0.00966  9   AIB   A CB2 
118 N N   . LEU   A 9 ? 0.02509 0.03675 0.02767 0.00741  0.00319  -0.00322 10  LEU   A N   
119 C CA  . LEU   A 9 ? 0.02020 0.04224 0.02356 0.00369  -0.00028 -0.00201 10  LEU   A CA  
120 C C   . LEU   A 9 ? 0.02924 0.04426 0.02337 -0.00170 -0.00134 -0.00676 10  LEU   A C   
121 O O   . LEU   A 9 ? 0.02979 0.04558 0.03290 0.00111  -0.00181 0.00461  10  LEU   A O   
122 C CB  . LEU   A 9 ? 0.03949 0.04786 0.02260 -0.00566 0.00285  -0.00060 10  LEU   A CB  
123 C CG  . LEU   A 9 ? 0.04599 0.04775 0.02903 -0.00981 0.00009  -0.00132 10  LEU   A CG  
124 C CD1 . LEU   A 9 ? 0.08070 0.06375 0.04996 -0.02481 0.01188  -0.01223 10  LEU   A CD1 
125 C CD2 . LEU   A 9 ? 0.04401 0.06362 0.08196 -0.01574 -0.00496 0.01522  10  LEU   A CD2 
137 C C11 . I77   B . ? 0.03628 0.06131 0.03936 -0.00706 0.00224  0.00671  101 I77   A C11 
138 C C12 . I77   B . ? 0.03410 0.06213 0.04320 -0.00196 0.00066  0.00496  101 I77   A C12 
139 C C13 . I77   B . ? 0.04036 0.05532 0.04219 -0.00168 0.00553  -0.00118 101 I77   A C13 
140 C C17 . I77   B . ? 0.04720 0.06032 0.08640 -0.00209 0.02080  0.00051  101 I77   A C17 
141 C C18 . I77   B . ? 0.04061 0.05627 0.08892 -0.00230 0.02780  -0.00131 101 I77   A C18 
142 C C02 . I77   B . ? 0.02750 0.05281 0.05980 0.00178  0.00313  0.00560  101 I77   A C02 
143 C C03 . I77   B . ? 0.03047 0.04537 0.06019 0.00358  0.00678  0.00128  101 I77   A C03 
144 C C04 . I77   B . ? 0.02663 0.05208 0.05572 0.00197  -0.00078 0.00549  101 I77   A C04 
145 C C05 . I77   B . ? 0.02932 0.04938 0.04656 -0.00092 -0.00017 0.00458  101 I77   A C05 
146 C C06 . I77   B . ? 0.04108 0.06390 0.08799 -0.00461 0.02147  -0.00082 101 I77   A C06 
147 C C08 . I77   B . ? 0.03126 0.05051 0.06276 0.00157  0.00623  0.01020  101 I77   A C08 
148 C C09 . I77   B . ? 0.03069 0.04998 0.07400 -0.00117 0.00767  0.01405  101 I77   A C09 
149 N N01 . I77   B . ? 0.03627 0.04583 0.07062 -0.00254 0.00819  0.00317  101 I77   A N01 
150 N N07 . I77   B . ? 0.04691 0.06136 0.09435 -0.00527 0.02200  -0.00075 101 I77   A N07 
151 N N10 . I77   B . ? 0.03694 0.06517 0.04378 -0.01085 0.00020  0.00520  101 I77   A N10 
152 N N14 . I77   B . ? 0.02717 0.05058 0.03935 -0.00180 0.00029  0.00173  101 I77   A N14 
153 N N15 . I77   B . ? 0.02177 0.05021 0.04396 0.00028  -0.00525 0.01147  101 I77   A N15 
154 O O16 . I77   B . ? 0.06256 0.08408 0.06133 -0.02769 0.02507  -0.02001 101 I77   A O16 
155 O O19 . I77   B . ? 0.03827 0.06294 0.06771 -0.00740 0.01058  0.00525  101 I77   A O19 
166 C C05 . I6W   C . ? 0.03781 0.04638 0.04897 -0.00416 0.00640  -0.00975 102 I6W   A C05 
167 C C08 . I6W   C . ? 0.03578 0.05642 0.04254 0.00403  -0.00494 0.00175  102 I6W   A C08 
168 C C09 . I6W   C . ? 0.04448 0.06179 0.03191 0.00125  -0.00202 -0.00168 102 I6W   A C09 
169 N N10 . I6W   C . ? 0.05609 0.07548 0.06423 -0.00384 0.00539  0.00772  102 I6W   A N10 
170 C C02 . I6W   C . ? 0.04372 0.05046 0.03478 -0.00385 -0.00264 -0.00904 102 I6W   A C02 
171 C C03 . I6W   C . ? 0.03744 0.05956 0.03959 -0.00533 -0.00143 -0.00645 102 I6W   A C03 
172 C C04 . I6W   C . ? 0.04693 0.05741 0.06250 -0.00724 0.00939  -0.01417 102 I6W   A C04 
173 C C06 . I6W   C . ? 0.04172 0.05045 0.04816 0.00283  -0.00297 0.00027  102 I6W   A C06 
174 C C11 . I6W   C . ? 0.04492 0.06673 0.04880 0.00510  0.00227  0.01050  102 I6W   A C11 
175 C C12 . I6W   C . ? 0.05410 0.06398 0.04385 0.00725  0.01038  0.00375  102 I6W   A C12 
176 C C13 . I6W   C . ? 0.06228 0.07072 0.06120 0.01056  0.01416  0.01345  102 I6W   A C13 
177 C C15 . I6W   C . ? 0.06015 0.10552 0.08027 0.00531  0.01282  -0.00490 102 I6W   A C15 
178 C C16 . I6W   C . ? 0.06966 0.11894 0.10289 0.00895  0.02319  -0.01513 102 I6W   A C16 
179 C C18 . I6W   C . ? 0.05058 0.07188 0.04431 0.00769  0.00436  0.00531  102 I6W   A C18 
180 C C19 . I6W   C . ? 0.03832 0.05172 0.03117 0.01118  -0.00015 -0.00193 102 I6W   A C19 
181 N N07 . I6W   C . ? 0.04831 0.06532 0.05883 0.00035  0.00235  0.00034  102 I6W   A N07 
182 O O01 . I6W   C . ? 0.03956 0.04277 0.05622 0.00098  0.00238  -0.01124 102 I6W   A O01 
183 O O14 . I6W   C . ? 0.06765 0.09023 0.05494 0.00158  0.01286  -0.00266 102 I6W   A O14 
184 O O17 . I6W   C . ? 0.06859 0.07930 0.07906 0.00700  0.02767  0.02520  102 I6W   A O17 
196 C C01 A A1ATB D . ? 0.12022 0.06371 0.07325 0.03204  0.04163  0.01347  103 A1ATB A C01 
197 C C01 B A1ATB D . ? 0.02720 0.06528 0.04142 0.01313  0.00335  -0.01258 103 A1ATB A C01 
198 C C02 A A1ATB D . ? 0.11223 0.06047 0.04805 0.00913  0.03449  0.00047  103 A1ATB A C02 
199 C C02 B A1ATB D . ? 0.02953 0.07278 0.04558 0.01258  0.00279  -0.01050 103 A1ATB A C02 
200 C C03 A A1ATB D . ? 0.13240 0.06567 0.06412 -0.01158 0.02674  -0.00762 103 A1ATB A C03 
201 C C03 B A1ATB D . ? 0.03824 0.06965 0.04471 0.01073  0.00145  -0.01346 103 A1ATB A C03 
202 C C04 A A1ATB D . ? 0.06422 0.05918 0.03305 0.01292  0.01314  0.00016  103 A1ATB A C04 
203 C C04 B A1ATB D . ? 0.02845 0.07148 0.04705 0.01262  0.00174  -0.01326 103 A1ATB A C04 
204 C C05 A A1ATB D . ? 0.05432 0.04965 0.04161 0.01063  0.01687  0.00215  103 A1ATB A C05 
205 C C05 B A1ATB D . ? 0.03887 0.07562 0.04398 0.00676  0.00294  -0.01382 103 A1ATB A C05 
206 C C06 A A1ATB D . ? 0.03609 0.05650 0.03808 0.00967  0.01535  -0.00428 103 A1ATB A C06 
207 C C06 B A1ATB D . ? 0.03632 0.07158 0.04012 0.00722  0.00109  -0.01539 103 A1ATB A C06 
208 C C07 A A1ATB D . ? 0.02948 0.06635 0.05674 0.00374  0.00783  -0.00730 103 A1ATB A C07 
209 C C07 B A1ATB D . ? 0.03246 0.06879 0.04692 0.01112  0.00286  -0.01337 103 A1ATB A C07 
210 C C08 A A1ATB D . ? 0.03226 0.07112 0.04981 0.00317  0.00528  -0.00924 103 A1ATB A C08 
211 C C08 B A1ATB D . ? 0.02930 0.06089 0.05369 0.01705  0.00041  -0.00583 103 A1ATB A C08 
212 C C09 A A1ATB D . ? 0.03658 0.07347 0.03844 0.01508  0.00831  -0.00201 103 A1ATB A C09 
213 C C09 B A1ATB D . ? 0.02619 0.06411 0.05544 0.01785  0.00209  -0.00611 103 A1ATB A C09 
238 C C01 A A1ATB E . ? 0.06764 0.06283 0.06036 0.01535  -0.00344 -0.01871 104 A1ATB A C01 
239 C C01 B A1ATB E . ? 0.40713 0.22814 0.27894 0.00831  -0.05767 0.01747  104 A1ATB A C01 
240 C C02 A A1ATB E . ? 0.06562 0.08269 0.05104 0.00662  -0.01545 -0.02004 104 A1ATB A C02 
241 C C02 B A1ATB E . ? 0.40665 0.22851 0.27824 0.00841  -0.05767 0.01710  104 A1ATB A C02 
242 C C03 A A1ATB E . ? 0.07291 0.09205 0.07432 0.00418  -0.01887 -0.01645 104 A1ATB A C03 
243 C C03 B A1ATB E . ? 0.40493 0.22516 0.27836 0.01086  -0.05836 0.01855  104 A1ATB A C03 
244 C C04 A A1ATB E . ? 0.06563 0.08210 0.04710 0.01315  -0.01460 -0.01270 104 A1ATB A C04 
245 C C04 B A1ATB E . ? 0.40892 0.23303 0.27937 0.00482  -0.05675 0.01485  104 A1ATB A C04 
246 C C05 A A1ATB E . ? 0.07157 0.08675 0.05665 0.01548  -0.01429 -0.01261 104 A1ATB A C05 
247 C C05 B A1ATB E . ? 0.40963 0.23537 0.28132 0.00367  -0.05685 0.01505  104 A1ATB A C05 
248 C C06 A A1ATB E . ? 0.08185 0.09542 0.06585 0.01405  -0.01907 -0.00509 104 A1ATB A C06 
249 C C06 B A1ATB E . ? 0.41083 0.23790 0.28197 0.00201  -0.05657 0.01432  104 A1ATB A C06 
250 C C07 A A1ATB E . ? 0.08245 0.08814 0.07008 0.01250  -0.02923 -0.00025 104 A1ATB A C07 
251 C C07 B A1ATB E . ? 0.41144 0.23897 0.28140 0.00094  -0.05632 0.01323  104 A1ATB A C07 
252 C C08 A A1ATB E . ? 0.08674 0.09300 0.05942 0.00325  -0.02554 -0.00669 104 A1ATB A C08 
253 C C08 B A1ATB E . ? 0.41148 0.23755 0.27999 0.00139  -0.05592 0.01277  104 A1ATB A C08 
254 C C09 A A1ATB E . ? 0.08404 0.09105 0.03631 0.00181  -0.01500 -0.01283 104 A1ATB A C09 
255 C C09 B A1ATB E . ? 0.41054 0.23551 0.27923 0.00311  -0.05590 0.01376  104 A1ATB A C09 
280 C C01 . A1ATB F . ? 0.10132 0.12874 0.08314 -0.00942 0.01252  0.00895  105 A1ATB A C01 
281 C C02 . A1ATB F . ? 0.09878 0.10552 0.10455 0.00181  0.01513  -0.00286 105 A1ATB A C02 
282 C C03 . A1ATB F . ? 0.10557 0.09523 0.11908 0.00164  0.00610  -0.00329 105 A1ATB A C03 
283 C C04 . A1ATB F . ? 0.08453 0.07900 0.09514 0.02214  0.02509  -0.01029 105 A1ATB A C04 
284 C C05 . A1ATB F . ? 0.10127 0.07587 0.07944 0.00946  0.03352  -0.01486 105 A1ATB A C05 
285 C C06 . A1ATB F . ? 0.08965 0.09548 0.10165 0.01009  0.02570  -0.01329 105 A1ATB A C06 
286 C C07 . A1ATB F . ? 0.10393 0.08307 0.11094 0.01974  0.02538  0.00820  105 A1ATB A C07 
287 C C08 . A1ATB F . ? 0.10794 0.06877 0.11499 0.01742  0.03046  0.00230  105 A1ATB A C08 
288 C C09 . A1ATB F . ? 0.09222 0.09220 0.10400 0.01178  0.03150  -0.01297 105 A1ATB A C09 
301 C C01 A A1ATB G . ? 0.58760 0.49007 0.53053 -0.05529 -0.09971 -0.04732 106 A1ATB A C01 
302 C C01 B A1ATB G . ? 0.10463 0.05103 0.05502 -0.01391 0.02767  -0.01009 106 A1ATB A C01 
303 C C02 A A1ATB G . ? 0.58330 0.49711 0.53172 -0.05322 -0.10176 -0.04263 106 A1ATB A C02 
304 C C02 B A1ATB G . ? 0.08577 0.05741 0.04913 -0.00306 0.02357  0.00034  106 A1ATB A C02 
305 C C03 A A1ATB G . ? 0.57921 0.50113 0.52162 -0.05083 -0.10424 -0.03977 106 A1ATB A C03 
306 C C03 B A1ATB G . ? 0.08257 0.05890 0.06243 0.00398  0.02372  0.00360  106 A1ATB A C03 
307 C C04 A A1ATB G . ? 0.58165 0.49986 0.54583 -0.05372 -0.10243 -0.04077 106 A1ATB A C04 
308 C C04 B A1ATB G . ? 0.06216 0.06184 0.04573 0.00233  0.02787  -0.00132 106 A1ATB A C04 
309 C C05 A A1ATB G . ? 0.57799 0.49777 0.55375 -0.05048 -0.10255 -0.03923 106 A1ATB A C05 
310 C C05 B A1ATB G . ? 0.04696 0.07005 0.05237 0.00514  0.01984  0.01309  106 A1ATB A C05 
311 C C06 A A1ATB G . ? 0.57800 0.49687 0.56104 -0.05069 -0.10230 -0.03848 106 A1ATB A C06 
312 C C06 B A1ATB G . ? 0.03451 0.07936 0.05157 0.00111  0.01788  0.00745  106 A1ATB A C06 
313 C C07 A A1ATB G . ? 0.58041 0.50101 0.56199 -0.05470 -0.10332 -0.03891 106 A1ATB A C07 
314 C C07 B A1ATB G . ? 0.03959 0.07180 0.06455 0.00080  0.02167  0.01237  106 A1ATB A C07 
315 C C08 A A1ATB G . ? 0.58287 0.50507 0.55821 -0.05789 -0.10405 -0.03904 106 A1ATB A C08 
316 C C08 B A1ATB G . ? 0.04246 0.06967 0.06744 0.00273  0.02299  0.01628  106 A1ATB A C08 
317 C C09 A A1ATB G . ? 0.58352 0.50477 0.55208 -0.05764 -0.10337 -0.03992 106 A1ATB A C09 
318 C C09 B A1ATB G . ? 0.04607 0.05788 0.05979 0.01221  0.02464  0.01488  106 A1ATB A C09 
343 O O   . HOH   H . ? 0.05930 0.06078 0.05298 -0.02295 0.00554  0.00248  201 HOH   A O   
# 
